data_4FVL
#
_entry.id   4FVL
#
_cell.length_a   125.780
_cell.length_b   157.270
_cell.length_c   105.550
_cell.angle_alpha   90.00
_cell.angle_beta   90.00
_cell.angle_gamma   90.00
#
_symmetry.space_group_name_H-M   'C 2 2 21'
#
loop_
_entity.id
_entity.type
_entity.pdbx_description
1 polymer 'Collagenase 3'
2 polymer 'Collagenase 3, pro-domain peptide'
3 non-polymer 'ZINC ION'
4 non-polymer 'CALCIUM ION'
5 non-polymer 'CHLORIDE ION'
6 non-polymer GLYCEROL
7 non-polymer S-1,2-PROPANEDIOL
8 non-polymer DI(HYDROXYETHYL)ETHER
9 water water
#
loop_
_entity_poly.entity_id
_entity_poly.type
_entity_poly.pdbx_seq_one_letter_code
_entity_poly.pdbx_strand_id
1 'polypeptide(L)'
;YNVFPRTLKWSKMNLTYRIVNYTPDMTHSEVEKAFKKAFKVWSDVTPLNFTRLHDGIADIMISFGIKEHGDFYPFDGPSG
LLAHAFPPGPNYGGDAHFDDDETWTSSSKGYNLFLVAAHAFGHSLGLDHSKDPGALMFPIYTYTGKSHFMLPDDDVQGIQ
SLYGPGDEDPNPKHPKTPDKCDPSLSLDAITSLRGETMIFKDRFFWRLHPQQVDAELFLTKSFWPELPNRIDAAYEHPSH
DLIFIFRGRKFWALNGYDILEGYPKKISELGLPKEVKKISAAVHFEDTGKTLLFSGNQVWRYDDTNHIMDKDYPRLIEED
FPGIGDKVDAVYEKNGYIYFFNGPIQFEYSIWSNRIVRVMPANSILWC
;
A,B
2 'polypeptide(L)' LSEEDLQFAERYLRSYYHPT C,D
#
# COMPACT_ATOMS: atom_id res chain seq x y z
N TYR A 1 -12.71 -7.17 -10.76
CA TYR A 1 -13.28 -7.40 -12.08
C TYR A 1 -13.37 -8.89 -12.37
N ASN A 2 -14.16 -9.24 -13.39
CA ASN A 2 -14.27 -10.62 -13.83
C ASN A 2 -14.34 -10.79 -15.36
N VAL A 3 -13.54 -11.72 -15.88
CA VAL A 3 -13.63 -12.13 -17.28
C VAL A 3 -14.57 -13.33 -17.43
N PHE A 4 -14.91 -13.69 -18.66
CA PHE A 4 -15.78 -14.84 -18.91
C PHE A 4 -14.99 -16.15 -18.87
N PRO A 5 -15.66 -17.25 -18.45
CA PRO A 5 -15.07 -18.60 -18.48
C PRO A 5 -14.49 -18.88 -19.86
N ARG A 6 -13.34 -19.55 -19.92
CA ARG A 6 -12.63 -19.81 -21.17
C ARG A 6 -12.00 -18.50 -21.70
N THR A 7 -12.23 -17.42 -20.96
CA THR A 7 -11.63 -16.12 -21.28
C THR A 7 -11.89 -15.71 -22.72
N LEU A 8 -13.19 -15.61 -23.06
CA LEU A 8 -13.63 -15.16 -24.39
C LEU A 8 -13.11 -13.76 -24.69
N LYS A 9 -12.08 -13.67 -25.53
CA LYS A 9 -11.61 -12.37 -25.99
C LYS A 9 -11.65 -12.35 -27.51
N TRP A 10 -11.78 -11.17 -28.10
CA TRP A 10 -11.69 -11.07 -29.55
C TRP A 10 -10.28 -11.46 -29.99
N SER A 11 -10.18 -11.91 -31.24
CA SER A 11 -8.92 -12.36 -31.82
C SER A 11 -8.15 -11.19 -32.44
N LYS A 12 -8.84 -10.40 -33.25
CA LYS A 12 -8.27 -9.23 -33.91
C LYS A 12 -8.43 -7.95 -33.08
N MET A 13 -7.64 -6.93 -33.40
CA MET A 13 -7.76 -5.63 -32.74
C MET A 13 -8.73 -4.68 -33.45
N ASN A 14 -8.86 -4.83 -34.76
CA ASN A 14 -9.74 -3.96 -35.54
C ASN A 14 -11.15 -4.53 -35.60
N LEU A 15 -12.08 -3.85 -34.92
CA LEU A 15 -13.43 -4.38 -34.79
C LEU A 15 -14.50 -3.47 -35.42
N THR A 16 -15.61 -4.09 -35.81
CA THR A 16 -16.70 -3.36 -36.44
C THR A 16 -17.99 -3.44 -35.67
N TYR A 17 -18.77 -2.36 -35.75
CA TYR A 17 -20.12 -2.36 -35.22
C TYR A 17 -21.10 -1.75 -36.22
N ARG A 18 -22.39 -1.98 -35.98
CA ARG A 18 -23.45 -1.44 -36.81
C ARG A 18 -24.70 -1.18 -35.98
N ILE A 19 -25.20 0.06 -36.05
CA ILE A 19 -26.42 0.43 -35.37
C ILE A 19 -27.59 -0.01 -36.27
N VAL A 20 -28.07 -1.23 -36.04
CA VAL A 20 -29.10 -1.85 -36.90
C VAL A 20 -30.40 -1.04 -36.96
N ASN A 21 -30.83 -0.51 -35.81
CA ASN A 21 -31.96 0.42 -35.75
C ASN A 21 -31.78 1.45 -34.64
N TYR A 22 -32.76 2.33 -34.48
CA TYR A 22 -32.59 3.42 -33.53
C TYR A 22 -33.83 3.60 -32.66
N THR A 23 -33.63 4.25 -31.53
CA THR A 23 -34.74 4.66 -30.68
C THR A 23 -35.25 6.02 -31.17
N PRO A 24 -36.59 6.25 -31.09
CA PRO A 24 -37.25 7.54 -31.35
C PRO A 24 -37.02 8.55 -30.23
N ASP A 25 -36.60 8.07 -29.06
CA ASP A 25 -36.32 8.92 -27.91
C ASP A 25 -35.20 9.92 -28.18
N MET A 26 -34.27 9.57 -29.06
CA MET A 26 -33.17 10.48 -29.43
C MET A 26 -33.07 10.57 -30.95
N THR A 27 -32.42 11.63 -31.44
CA THR A 27 -32.12 11.72 -32.87
C THR A 27 -31.04 10.71 -33.24
N HIS A 28 -30.91 10.41 -34.53
CA HIS A 28 -29.85 9.54 -35.04
C HIS A 28 -28.45 10.04 -34.68
N SER A 29 -28.22 11.35 -34.80
CA SER A 29 -26.91 11.90 -34.47
C SER A 29 -26.50 11.66 -33.01
N GLU A 30 -27.36 12.02 -32.05
CA GLU A 30 -27.15 11.77 -30.62
C GLU A 30 -26.83 10.29 -30.29
N VAL A 31 -27.62 9.37 -30.85
CA VAL A 31 -27.40 7.93 -30.68
C VAL A 31 -26.02 7.51 -31.19
N GLU A 32 -25.67 7.98 -32.38
CA GLU A 32 -24.36 7.70 -32.95
C GLU A 32 -23.25 8.30 -32.10
N LYS A 33 -23.50 9.47 -31.54
CA LYS A 33 -22.52 10.12 -30.67
C LYS A 33 -22.33 9.29 -29.41
N ALA A 34 -23.43 8.84 -28.82
CA ALA A 34 -23.39 8.06 -27.59
C ALA A 34 -22.60 6.78 -27.82
N PHE A 35 -22.96 6.03 -28.86
CA PHE A 35 -22.26 4.79 -29.17
C PHE A 35 -20.77 5.00 -29.47
N LYS A 36 -20.45 6.02 -30.25
CA LYS A 36 -19.06 6.41 -30.50
C LYS A 36 -18.31 6.70 -29.19
N LYS A 37 -18.95 7.44 -28.30
CA LYS A 37 -18.36 7.76 -27.00
C LYS A 37 -18.12 6.48 -26.20
N ALA A 38 -19.12 5.61 -26.18
CA ALA A 38 -19.06 4.38 -25.42
C ALA A 38 -17.89 3.52 -25.86
N PHE A 39 -17.64 3.46 -27.16
CA PHE A 39 -16.51 2.69 -27.67
C PHE A 39 -15.21 3.37 -27.31
N LYS A 40 -15.21 4.70 -27.32
CA LYS A 40 -13.96 5.45 -27.06
C LYS A 40 -13.44 5.20 -25.65
N VAL A 41 -14.37 4.98 -24.72
CA VAL A 41 -14.04 4.65 -23.35
C VAL A 41 -13.06 3.47 -23.29
N TRP A 42 -13.35 2.44 -24.07
CA TRP A 42 -12.56 1.21 -24.09
C TRP A 42 -11.34 1.32 -25.00
N SER A 43 -11.52 1.90 -26.19
CA SER A 43 -10.39 2.11 -27.09
C SER A 43 -9.30 3.01 -26.50
N ASP A 44 -9.67 3.92 -25.59
CA ASP A 44 -8.69 4.84 -25.01
C ASP A 44 -7.67 4.17 -24.13
N VAL A 45 -7.94 2.94 -23.72
CA VAL A 45 -7.05 2.27 -22.76
C VAL A 45 -6.59 0.90 -23.28
N THR A 46 -6.91 0.63 -24.55
CA THR A 46 -6.56 -0.62 -25.24
C THR A 46 -6.04 -0.38 -26.67
N PRO A 47 -5.43 -1.43 -27.29
CA PRO A 47 -5.04 -1.36 -28.70
C PRO A 47 -6.26 -1.49 -29.63
N LEU A 48 -7.41 -1.81 -29.05
CA LEU A 48 -8.65 -1.99 -29.81
C LEU A 48 -9.06 -0.76 -30.64
N ASN A 49 -9.64 -1.03 -31.81
CA ASN A 49 -10.10 0.00 -32.73
C ASN A 49 -11.54 -0.28 -33.16
N PHE A 50 -12.37 0.75 -33.27
CA PHE A 50 -13.76 0.51 -33.65
C PHE A 50 -14.19 1.25 -34.91
N THR A 51 -14.89 0.54 -35.79
CA THR A 51 -15.33 1.12 -37.07
C THR A 51 -16.81 0.85 -37.29
N ARG A 52 -17.51 1.90 -37.68
CA ARG A 52 -18.96 1.80 -37.85
C ARG A 52 -19.28 1.42 -39.29
N LEU A 53 -20.16 0.44 -39.47
CA LEU A 53 -20.63 0.06 -40.79
C LEU A 53 -22.07 0.47 -40.93
N HIS A 54 -22.43 0.96 -42.11
CA HIS A 54 -23.79 1.36 -42.38
C HIS A 54 -24.59 0.22 -42.97
N ASP A 55 -23.91 -0.77 -43.52
CA ASP A 55 -24.58 -1.93 -44.09
C ASP A 55 -23.82 -3.21 -43.75
N GLY A 56 -24.55 -4.32 -43.69
CA GLY A 56 -23.92 -5.63 -43.59
C GLY A 56 -23.76 -6.17 -42.19
N ILE A 57 -22.97 -7.23 -42.08
CA ILE A 57 -22.71 -7.90 -40.82
C ILE A 57 -21.45 -7.35 -40.18
N ALA A 58 -21.59 -6.68 -39.04
CA ALA A 58 -20.43 -6.26 -38.28
C ALA A 58 -20.20 -7.23 -37.13
N ASP A 59 -19.08 -7.10 -36.42
CA ASP A 59 -18.83 -7.90 -35.23
C ASP A 59 -19.83 -7.60 -34.14
N ILE A 60 -20.07 -6.32 -33.91
CA ILE A 60 -20.99 -5.90 -32.88
C ILE A 60 -22.27 -5.29 -33.47
N MET A 61 -23.31 -6.11 -33.56
CA MET A 61 -24.59 -5.63 -34.06
C MET A 61 -25.37 -5.02 -32.89
N ILE A 62 -25.79 -3.77 -33.05
CA ILE A 62 -26.45 -3.05 -31.98
C ILE A 62 -27.90 -2.82 -32.35
N SER A 63 -28.83 -3.21 -31.50
CA SER A 63 -30.22 -2.93 -31.80
C SER A 63 -31.03 -2.47 -30.60
N PHE A 64 -32.15 -1.80 -30.89
CA PHE A 64 -33.16 -1.52 -29.90
C PHE A 64 -34.34 -2.46 -30.13
N GLY A 65 -35.00 -2.89 -29.06
CA GLY A 65 -36.10 -3.84 -29.14
C GLY A 65 -37.04 -3.64 -27.96
N ILE A 66 -38.19 -4.30 -28.00
CA ILE A 66 -39.20 -4.14 -26.96
C ILE A 66 -39.86 -5.47 -26.68
N LYS A 67 -39.96 -5.81 -25.39
CA LYS A 67 -40.34 -7.16 -24.95
C LYS A 67 -39.67 -8.23 -25.81
N GLU A 68 -40.49 -9.15 -26.32
CA GLU A 68 -39.99 -10.15 -27.26
C GLU A 68 -39.45 -9.43 -28.49
N HIS A 69 -38.13 -9.52 -28.69
CA HIS A 69 -37.46 -8.74 -29.72
C HIS A 69 -36.57 -9.63 -30.56
N GLY A 70 -36.74 -10.94 -30.41
CA GLY A 70 -36.12 -11.85 -31.36
C GLY A 70 -35.21 -12.95 -30.84
N ASP A 71 -34.81 -12.89 -29.56
CA ASP A 71 -34.00 -13.96 -28.99
C ASP A 71 -34.79 -14.69 -27.90
N PHE A 72 -34.07 -15.37 -27.03
CA PHE A 72 -34.74 -16.12 -25.98
C PHE A 72 -35.16 -15.19 -24.84
N TYR A 73 -34.75 -13.92 -24.90
CA TYR A 73 -34.74 -13.08 -23.73
C TYR A 73 -35.50 -11.76 -23.85
N PRO A 74 -36.82 -11.81 -23.61
CA PRO A 74 -37.66 -10.61 -23.72
C PRO A 74 -37.27 -9.52 -22.72
N PHE A 75 -37.44 -8.25 -23.11
CA PHE A 75 -37.33 -7.16 -22.15
C PHE A 75 -38.62 -7.02 -21.36
N ASP A 76 -38.59 -6.17 -20.35
CA ASP A 76 -39.59 -6.24 -19.29
C ASP A 76 -40.26 -4.90 -19.05
N GLY A 77 -40.26 -4.04 -20.07
CA GLY A 77 -40.90 -2.75 -19.90
C GLY A 77 -40.03 -1.78 -19.16
N PRO A 78 -40.62 -0.66 -18.69
CA PRO A 78 -39.88 0.39 -18.01
C PRO A 78 -39.03 -0.12 -16.84
N SER A 79 -37.80 0.41 -16.72
CA SER A 79 -36.82 -0.02 -15.72
C SER A 79 -36.63 -1.52 -15.69
N GLY A 80 -36.13 -2.03 -14.58
CA GLY A 80 -35.68 -3.41 -14.55
C GLY A 80 -34.53 -3.56 -15.55
N LEU A 81 -34.59 -4.60 -16.37
CA LEU A 81 -33.63 -4.79 -17.46
C LEU A 81 -33.47 -3.54 -18.34
N LEU A 82 -32.24 -3.14 -18.62
CA LEU A 82 -32.03 -1.96 -19.47
C LEU A 82 -31.51 -2.40 -20.85
N ALA A 83 -30.87 -3.55 -20.86
CA ALA A 83 -30.04 -3.95 -21.97
C ALA A 83 -29.48 -5.30 -21.67
N HIS A 84 -29.10 -6.02 -22.70
CA HIS A 84 -28.20 -7.14 -22.54
C HIS A 84 -27.27 -7.27 -23.73
N ALA A 85 -26.11 -7.89 -23.49
CA ALA A 85 -25.12 -8.12 -24.53
C ALA A 85 -24.50 -9.50 -24.38
N PHE A 86 -23.96 -9.99 -25.48
CA PHE A 86 -23.32 -11.29 -25.55
C PHE A 86 -21.82 -11.04 -25.54
N PRO A 87 -21.06 -12.01 -24.98
CA PRO A 87 -19.59 -11.99 -24.93
C PRO A 87 -19.02 -12.16 -26.33
N PRO A 88 -17.70 -12.00 -26.48
CA PRO A 88 -17.14 -12.13 -27.83
C PRO A 88 -17.36 -13.53 -28.42
N GLY A 89 -17.63 -13.55 -29.73
CA GLY A 89 -17.92 -14.77 -30.47
C GLY A 89 -18.46 -14.39 -31.84
N PRO A 90 -18.84 -15.40 -32.65
CA PRO A 90 -19.43 -15.22 -33.99
C PRO A 90 -20.94 -15.00 -33.84
N ASN A 91 -21.61 -14.51 -34.88
CA ASN A 91 -23.06 -14.25 -34.82
C ASN A 91 -23.49 -13.29 -33.71
N TYR A 92 -24.32 -13.77 -32.79
CA TYR A 92 -24.73 -13.02 -31.60
C TYR A 92 -23.55 -12.56 -30.73
N GLY A 93 -22.40 -13.23 -30.88
CA GLY A 93 -21.21 -12.85 -30.14
C GLY A 93 -20.80 -11.39 -30.28
N GLY A 94 -20.89 -10.65 -29.19
CA GLY A 94 -20.58 -9.23 -29.23
C GLY A 94 -21.82 -8.35 -29.34
N ASP A 95 -22.94 -8.92 -29.77
CA ASP A 95 -24.15 -8.12 -29.99
C ASP A 95 -24.67 -7.48 -28.70
N ALA A 96 -25.32 -6.33 -28.84
CA ALA A 96 -25.90 -5.58 -27.72
C ALA A 96 -27.33 -5.15 -28.03
N HIS A 97 -28.25 -5.43 -27.12
CA HIS A 97 -29.65 -5.10 -27.31
C HIS A 97 -30.13 -4.12 -26.22
N PHE A 98 -30.88 -3.11 -26.61
CA PHE A 98 -31.33 -2.09 -25.67
C PHE A 98 -32.84 -2.04 -25.59
N ASP A 99 -33.36 -1.96 -24.36
CA ASP A 99 -34.80 -1.97 -24.14
C ASP A 99 -35.44 -0.61 -24.50
N ASP A 100 -36.18 -0.58 -25.60
CA ASP A 100 -36.81 0.68 -25.97
C ASP A 100 -38.08 1.01 -25.19
N ASP A 101 -38.39 0.24 -24.15
CA ASP A 101 -39.40 0.67 -23.19
C ASP A 101 -38.80 1.69 -22.20
N GLU A 102 -37.46 1.75 -22.14
CA GLU A 102 -36.78 2.81 -21.40
C GLU A 102 -36.83 4.11 -22.20
N THR A 103 -36.75 5.24 -21.50
CA THR A 103 -36.57 6.52 -22.19
C THR A 103 -35.09 6.93 -22.21
N TRP A 104 -34.47 6.84 -23.38
CA TRP A 104 -33.04 7.02 -23.51
C TRP A 104 -32.68 8.48 -23.75
N THR A 105 -31.67 8.96 -23.03
CA THR A 105 -31.29 10.37 -23.08
C THR A 105 -29.78 10.59 -23.11
N SER A 106 -29.41 11.85 -23.27
CA SER A 106 -28.03 12.29 -23.17
C SER A 106 -27.86 13.14 -21.92
N SER A 107 -28.73 12.91 -20.95
CA SER A 107 -28.74 13.71 -19.73
C SER A 107 -28.90 12.83 -18.49
N SER A 108 -29.26 13.45 -17.37
CA SER A 108 -29.39 12.78 -16.08
C SER A 108 -30.74 12.11 -15.98
N LYS A 109 -31.65 12.50 -16.87
CA LYS A 109 -33.01 12.02 -16.81
C LYS A 109 -33.16 10.74 -17.60
N GLY A 110 -34.28 10.05 -17.40
CA GLY A 110 -34.49 8.76 -18.01
C GLY A 110 -33.28 7.87 -17.77
N TYR A 111 -32.79 7.23 -18.82
CA TYR A 111 -31.55 6.48 -18.74
C TYR A 111 -30.57 6.99 -19.78
N ASN A 112 -29.32 7.17 -19.36
CA ASN A 112 -28.29 7.70 -20.26
C ASN A 112 -27.73 6.64 -21.20
N LEU A 113 -28.00 6.79 -22.50
CA LEU A 113 -27.57 5.79 -23.51
C LEU A 113 -26.05 5.51 -23.52
N PHE A 114 -25.23 6.55 -23.42
CA PHE A 114 -23.79 6.37 -23.40
C PHE A 114 -23.33 5.48 -22.22
N LEU A 115 -23.98 5.65 -21.06
CA LEU A 115 -23.58 4.93 -19.87
C LEU A 115 -23.87 3.44 -20.00
N VAL A 116 -25.13 3.11 -20.31
CA VAL A 116 -25.52 1.72 -20.49
C VAL A 116 -24.73 1.07 -21.61
N ALA A 117 -24.58 1.78 -22.71
CA ALA A 117 -23.77 1.27 -23.83
C ALA A 117 -22.31 1.00 -23.44
N ALA A 118 -21.70 1.91 -22.68
CA ALA A 118 -20.32 1.69 -22.24
C ALA A 118 -20.21 0.40 -21.40
N HIS A 119 -21.15 0.22 -20.48
CA HIS A 119 -21.28 -1.04 -19.72
C HIS A 119 -21.47 -2.22 -20.66
N ALA A 120 -22.49 -2.13 -21.53
CA ALA A 120 -22.83 -3.22 -22.44
C ALA A 120 -21.66 -3.66 -23.31
N PHE A 121 -20.85 -2.69 -23.73
CA PHE A 121 -19.73 -2.99 -24.62
C PHE A 121 -18.60 -3.66 -23.86
N GLY A 122 -18.57 -3.47 -22.54
CA GLY A 122 -17.64 -4.20 -21.70
C GLY A 122 -17.87 -5.70 -21.83
N HIS A 123 -19.13 -6.10 -21.87
CA HIS A 123 -19.47 -7.50 -22.04
C HIS A 123 -19.02 -7.93 -23.44
N SER A 124 -19.53 -7.21 -24.44
CA SER A 124 -19.14 -7.40 -25.84
C SER A 124 -17.63 -7.57 -26.05
N LEU A 125 -16.81 -7.03 -25.15
CA LEU A 125 -15.36 -7.19 -25.29
C LEU A 125 -14.78 -8.30 -24.42
N GLY A 126 -15.60 -8.85 -23.53
CA GLY A 126 -15.19 -9.99 -22.74
C GLY A 126 -15.08 -9.78 -21.24
N LEU A 127 -15.68 -8.70 -20.73
CA LEU A 127 -15.71 -8.50 -19.28
C LEU A 127 -17.04 -8.96 -18.72
N ASP A 128 -16.99 -9.74 -17.65
CA ASP A 128 -18.19 -10.13 -16.92
C ASP A 128 -18.48 -9.04 -15.88
N HIS A 129 -19.54 -9.21 -15.11
CA HIS A 129 -19.86 -8.25 -14.06
C HIS A 129 -18.79 -8.21 -12.96
N SER A 130 -18.60 -7.02 -12.40
CA SER A 130 -17.66 -6.81 -11.29
C SER A 130 -18.46 -6.70 -10.01
N LYS A 131 -17.81 -7.00 -8.88
CA LYS A 131 -18.40 -6.85 -7.55
C LYS A 131 -18.09 -5.48 -6.93
N ASP A 132 -17.16 -4.76 -7.54
CA ASP A 132 -16.83 -3.41 -7.11
C ASP A 132 -17.97 -2.42 -7.45
N PRO A 133 -18.65 -1.88 -6.43
CA PRO A 133 -19.76 -0.92 -6.66
C PRO A 133 -19.29 0.34 -7.39
N GLY A 134 -17.98 0.55 -7.44
CA GLY A 134 -17.40 1.69 -8.10
C GLY A 134 -17.04 1.41 -9.54
N ALA A 135 -17.20 0.18 -9.99
CA ALA A 135 -16.82 -0.20 -11.35
C ALA A 135 -17.96 0.03 -12.37
N LEU A 136 -17.60 0.36 -13.61
CA LEU A 136 -18.60 0.45 -14.66
C LEU A 136 -19.26 -0.92 -14.87
N MET A 137 -18.50 -1.98 -14.64
CA MET A 137 -19.02 -3.34 -14.85
C MET A 137 -19.91 -3.89 -13.71
N PHE A 138 -20.19 -3.08 -12.70
CA PHE A 138 -21.18 -3.43 -11.67
C PHE A 138 -22.57 -3.63 -12.30
N PRO A 139 -23.29 -4.68 -11.88
CA PRO A 139 -24.53 -5.11 -12.53
C PRO A 139 -25.68 -4.12 -12.41
N ILE A 140 -25.54 -3.11 -11.56
CA ILE A 140 -26.67 -2.22 -11.31
C ILE A 140 -26.36 -0.76 -11.66
N TYR A 141 -27.20 -0.20 -12.54
CA TYR A 141 -27.04 1.15 -13.08
C TYR A 141 -27.09 2.25 -12.04
N THR A 142 -26.26 3.27 -12.21
CA THR A 142 -26.30 4.48 -11.38
C THR A 142 -25.80 5.63 -12.24
N TYR A 143 -26.62 6.66 -12.43
CA TYR A 143 -26.14 7.83 -13.16
C TYR A 143 -25.03 8.45 -12.33
N THR A 144 -23.86 8.61 -12.92
CA THR A 144 -22.70 9.03 -12.13
C THR A 144 -22.38 10.53 -12.20
N GLY A 145 -23.23 11.31 -12.87
CA GLY A 145 -23.06 12.75 -12.88
C GLY A 145 -22.67 13.34 -14.22
N LYS A 146 -22.98 14.63 -14.39
CA LYS A 146 -22.75 15.31 -15.67
C LYS A 146 -21.25 15.54 -15.90
N SER A 147 -20.47 15.40 -14.84
CA SER A 147 -19.02 15.50 -14.91
C SER A 147 -18.47 14.55 -15.94
N HIS A 148 -17.36 14.92 -16.58
CA HIS A 148 -16.81 14.08 -17.63
C HIS A 148 -16.39 12.69 -17.15
N PHE A 149 -16.78 11.70 -17.94
CA PHE A 149 -16.66 10.32 -17.59
C PHE A 149 -15.22 9.83 -17.56
N MET A 150 -14.84 9.28 -16.41
CA MET A 150 -13.58 8.57 -16.31
C MET A 150 -13.91 7.11 -16.09
N LEU A 151 -13.31 6.25 -16.90
CA LEU A 151 -13.44 4.82 -16.69
C LEU A 151 -12.81 4.55 -15.33
N PRO A 152 -13.49 3.76 -14.49
CA PRO A 152 -12.90 3.34 -13.21
C PRO A 152 -11.74 2.35 -13.35
N ASP A 153 -10.87 2.35 -12.36
CA ASP A 153 -9.67 1.55 -12.39
C ASP A 153 -9.91 0.03 -12.48
N ASP A 154 -11.00 -0.47 -11.87
CA ASP A 154 -11.27 -1.90 -11.93
C ASP A 154 -11.55 -2.32 -13.38
N ASP A 155 -12.24 -1.46 -14.13
CA ASP A 155 -12.52 -1.79 -15.52
C ASP A 155 -11.28 -1.69 -16.40
N VAL A 156 -10.40 -0.72 -16.12
CA VAL A 156 -9.17 -0.59 -16.90
C VAL A 156 -8.30 -1.86 -16.77
N GLN A 157 -8.14 -2.32 -15.53
CA GLN A 157 -7.36 -3.53 -15.26
C GLN A 157 -7.97 -4.76 -15.88
N GLY A 158 -9.30 -4.88 -15.80
CA GLY A 158 -9.98 -5.99 -16.43
C GLY A 158 -9.68 -6.05 -17.92
N ILE A 159 -9.92 -4.93 -18.61
CA ILE A 159 -9.83 -4.92 -20.06
C ILE A 159 -8.39 -5.04 -20.52
N GLN A 160 -7.47 -4.57 -19.69
CA GLN A 160 -6.06 -4.66 -20.06
C GLN A 160 -5.48 -6.01 -19.75
N SER A 161 -6.22 -6.83 -19.02
CA SER A 161 -5.79 -8.20 -18.76
C SER A 161 -6.25 -9.07 -19.92
N LEU A 162 -7.03 -8.48 -20.82
CA LEU A 162 -7.47 -9.15 -22.04
C LEU A 162 -6.64 -8.70 -23.22
N TYR A 163 -6.38 -7.40 -23.33
CA TYR A 163 -5.84 -6.85 -24.57
C TYR A 163 -4.62 -5.98 -24.37
N GLY A 164 -4.09 -5.93 -23.15
CA GLY A 164 -2.96 -5.07 -22.88
C GLY A 164 -3.31 -3.60 -22.99
N PRO A 165 -2.33 -2.72 -22.75
CA PRO A 165 -2.61 -1.28 -22.71
C PRO A 165 -2.62 -0.65 -24.11
N GLY A 166 -2.99 0.62 -24.19
CA GLY A 166 -2.96 1.36 -25.44
C GLY A 166 -1.72 2.24 -25.54
N ASP A 167 -1.58 2.95 -26.65
CA ASP A 167 -0.43 3.83 -26.83
C ASP A 167 -0.46 4.96 -25.82
N GLU A 168 -1.59 5.66 -25.73
CA GLU A 168 -1.71 6.69 -24.71
C GLU A 168 -3.13 6.87 -24.20
N ASP A 169 -3.21 6.77 -22.88
CA ASP A 169 -4.45 6.98 -22.19
C ASP A 169 -4.51 8.47 -21.87
N PRO A 170 -5.54 9.17 -22.38
CA PRO A 170 -5.82 10.60 -22.20
C PRO A 170 -5.95 11.09 -20.75
N ASN A 171 -6.26 10.20 -19.82
CA ASN A 171 -6.06 10.45 -18.38
C ASN A 171 -5.79 9.15 -17.61
N PRO A 172 -4.48 8.86 -17.39
CA PRO A 172 -3.93 7.60 -16.87
C PRO A 172 -4.26 7.33 -15.40
N LYS A 173 -4.71 8.36 -14.69
CA LYS A 173 -5.04 8.19 -13.29
C LYS A 173 -6.54 7.95 -13.13
N HIS A 174 -6.88 6.66 -13.07
CA HIS A 174 -8.28 6.22 -13.10
C HIS A 174 -8.84 6.11 -11.69
N PRO A 175 -10.12 6.52 -11.52
CA PRO A 175 -10.77 6.53 -10.20
C PRO A 175 -10.75 5.15 -9.52
N LYS A 176 -10.24 5.08 -8.30
CA LYS A 176 -10.22 3.83 -7.55
C LYS A 176 -11.22 3.84 -6.40
N THR A 177 -11.79 2.67 -6.14
CA THR A 177 -12.61 2.49 -4.96
C THR A 177 -11.70 2.53 -3.73
N PRO A 178 -12.08 3.31 -2.71
CA PRO A 178 -11.20 3.43 -1.54
C PRO A 178 -11.05 2.11 -0.82
N ASP A 179 -9.88 1.92 -0.21
CA ASP A 179 -9.54 0.66 0.46
C ASP A 179 -9.62 0.83 1.99
N LYS A 180 -10.60 0.18 2.59
CA LYS A 180 -10.82 0.29 4.04
C LYS A 180 -9.67 -0.28 4.90
N CYS A 181 -8.87 -1.19 4.35
CA CYS A 181 -7.77 -1.76 5.14
C CYS A 181 -6.53 -0.90 5.13
N ASP A 182 -6.58 0.22 4.40
CA ASP A 182 -5.44 1.12 4.28
C ASP A 182 -5.41 2.11 5.49
N PRO A 183 -4.37 2.00 6.33
CA PRO A 183 -4.25 2.79 7.56
C PRO A 183 -3.95 4.26 7.29
N SER A 184 -3.82 4.63 6.02
CA SER A 184 -3.66 6.05 5.68
C SER A 184 -4.98 6.70 5.24
N LEU A 185 -6.04 5.90 5.14
CA LEU A 185 -7.38 6.39 4.83
C LEU A 185 -7.81 7.59 5.69
N SER A 186 -8.25 8.66 5.03
CA SER A 186 -8.86 9.78 5.73
C SER A 186 -10.31 9.87 5.24
N LEU A 187 -11.19 10.51 6.01
CA LEU A 187 -12.63 10.48 5.70
C LEU A 187 -13.17 11.84 5.37
N ASP A 188 -14.29 11.88 4.64
CA ASP A 188 -14.89 13.15 4.25
C ASP A 188 -15.90 13.61 5.31
N ALA A 189 -16.71 12.68 5.79
CA ALA A 189 -17.82 12.98 6.69
C ALA A 189 -18.33 11.70 7.33
N ILE A 190 -19.00 11.83 8.48
CA ILE A 190 -19.59 10.68 9.18
C ILE A 190 -20.88 11.08 9.89
N THR A 191 -21.88 10.22 9.85
CA THR A 191 -23.02 10.35 10.74
C THR A 191 -23.57 8.97 11.04
N SER A 192 -24.51 8.93 11.97
CA SER A 192 -25.35 7.77 12.14
C SER A 192 -26.59 8.03 11.31
N LEU A 193 -27.25 6.96 10.88
CA LEU A 193 -28.51 7.07 10.18
C LEU A 193 -29.30 5.79 10.48
N ARG A 194 -30.44 5.96 11.15
CA ARG A 194 -31.22 4.84 11.70
C ARG A 194 -30.38 3.79 12.44
N GLY A 195 -29.50 4.25 13.32
CA GLY A 195 -28.70 3.35 14.12
C GLY A 195 -27.48 2.76 13.41
N GLU A 196 -27.17 3.27 12.23
CA GLU A 196 -26.02 2.76 11.50
C GLU A 196 -25.03 3.85 11.14
N THR A 197 -23.75 3.52 11.13
CA THR A 197 -22.76 4.53 10.77
C THR A 197 -22.73 4.72 9.25
N MET A 198 -22.75 5.98 8.82
CA MET A 198 -22.55 6.29 7.40
C MET A 198 -21.23 7.01 7.28
N ILE A 199 -20.32 6.43 6.51
CA ILE A 199 -18.97 6.96 6.42
C ILE A 199 -18.67 7.33 4.98
N PHE A 200 -18.54 8.63 4.72
CA PHE A 200 -18.37 9.13 3.36
C PHE A 200 -16.89 9.27 2.96
N LYS A 201 -16.58 8.81 1.75
CA LYS A 201 -15.25 8.95 1.23
C LYS A 201 -15.42 9.12 -0.27
N ASP A 202 -14.89 10.20 -0.83
CA ASP A 202 -15.03 10.43 -2.28
C ASP A 202 -16.50 10.35 -2.71
N ARG A 203 -16.77 9.61 -3.79
CA ARG A 203 -18.15 9.50 -4.29
C ARG A 203 -18.90 8.33 -3.65
N PHE A 204 -18.30 7.74 -2.62
CA PHE A 204 -18.86 6.56 -1.97
C PHE A 204 -19.33 6.86 -0.57
N PHE A 205 -20.17 5.98 -0.02
CA PHE A 205 -20.23 5.85 1.45
C PHE A 205 -20.23 4.38 1.90
N TRP A 206 -19.62 4.12 3.05
CA TRP A 206 -19.86 2.85 3.74
C TRP A 206 -21.03 3.01 4.73
N ARG A 207 -21.93 2.04 4.71
CA ARG A 207 -22.93 1.93 5.77
C ARG A 207 -22.57 0.70 6.61
N LEU A 208 -22.45 0.88 7.91
CA LEU A 208 -22.00 -0.16 8.80
C LEU A 208 -23.01 -0.39 9.92
N HIS A 209 -23.64 -1.55 9.97
CA HIS A 209 -24.50 -1.90 11.10
C HIS A 209 -23.65 -2.29 12.30
N PRO A 210 -24.04 -1.81 13.50
CA PRO A 210 -23.30 -2.10 14.73
C PRO A 210 -23.15 -3.62 14.99
N GLN A 211 -24.07 -4.41 14.47
CA GLN A 211 -23.97 -5.85 14.62
C GLN A 211 -23.12 -6.50 13.53
N GLN A 212 -22.60 -5.70 12.62
CA GLN A 212 -21.81 -6.23 11.52
C GLN A 212 -20.35 -5.83 11.60
N VAL A 213 -19.52 -6.61 10.90
CA VAL A 213 -18.09 -6.40 10.86
C VAL A 213 -17.65 -5.95 9.45
N ASP A 214 -18.41 -6.34 8.42
CA ASP A 214 -18.17 -5.86 7.06
C ASP A 214 -19.17 -4.78 6.64
N ALA A 215 -18.67 -3.57 6.44
CA ALA A 215 -19.48 -2.47 5.95
C ALA A 215 -19.96 -2.70 4.52
N GLU A 216 -21.15 -2.19 4.21
CA GLU A 216 -21.67 -2.19 2.87
C GLU A 216 -21.17 -0.92 2.18
N LEU A 217 -20.72 -1.04 0.94
CA LEU A 217 -20.19 0.11 0.23
C LEU A 217 -21.11 0.52 -0.93
N PHE A 218 -21.55 1.79 -0.93
CA PHE A 218 -22.44 2.31 -1.95
C PHE A 218 -21.84 3.50 -2.69
N LEU A 219 -22.37 3.79 -3.88
CA LEU A 219 -22.16 5.12 -4.46
C LEU A 219 -23.15 6.07 -3.82
N THR A 220 -22.69 7.27 -3.44
CA THR A 220 -23.63 8.24 -2.86
C THR A 220 -24.83 8.45 -3.81
N LYS A 221 -24.58 8.50 -5.11
CA LYS A 221 -25.63 8.66 -6.12
C LYS A 221 -26.64 7.52 -6.20
N SER A 222 -26.27 6.34 -5.71
CA SER A 222 -27.19 5.22 -5.52
C SER A 222 -28.36 5.55 -4.61
N PHE A 223 -28.12 6.45 -3.66
CA PHE A 223 -29.12 6.80 -2.66
C PHE A 223 -29.76 8.14 -2.96
N TRP A 224 -28.93 9.10 -3.34
CA TRP A 224 -29.36 10.48 -3.49
C TRP A 224 -28.85 11.06 -4.79
N PRO A 225 -29.49 10.68 -5.90
CA PRO A 225 -29.04 11.07 -7.25
C PRO A 225 -28.86 12.57 -7.42
N GLU A 226 -29.71 13.39 -6.80
N GLU A 226 -29.69 13.38 -6.76
CA GLU A 226 -29.62 14.85 -6.96
CA GLU A 226 -29.67 14.84 -6.90
C GLU A 226 -28.65 15.53 -6.00
C GLU A 226 -28.59 15.52 -6.06
N LEU A 227 -27.83 14.74 -5.30
CA LEU A 227 -26.81 15.27 -4.37
C LEU A 227 -25.44 15.18 -5.01
N PRO A 228 -24.44 15.94 -4.49
CA PRO A 228 -23.10 15.85 -5.10
C PRO A 228 -22.44 14.51 -4.82
N ASN A 229 -21.49 14.11 -5.67
CA ASN A 229 -20.70 12.92 -5.42
C ASN A 229 -19.88 13.00 -4.12
N ARG A 230 -19.18 14.13 -3.94
CA ARG A 230 -18.37 14.37 -2.75
C ARG A 230 -19.06 15.32 -1.78
N ILE A 231 -18.94 14.97 -0.48
N ILE A 231 -19.08 14.95 -0.50
CA ILE A 231 -19.60 15.65 0.63
CA ILE A 231 -19.65 15.85 0.50
C ILE A 231 -18.58 16.25 1.60
C ILE A 231 -18.61 16.28 1.56
N ASP A 232 -18.87 17.42 2.17
CA ASP A 232 -17.97 18.01 3.13
C ASP A 232 -18.21 17.57 4.58
N ALA A 233 -19.49 17.38 4.92
CA ALA A 233 -19.91 17.18 6.30
C ALA A 233 -21.32 16.61 6.30
N ALA A 234 -21.65 15.85 7.34
CA ALA A 234 -22.96 15.22 7.44
C ALA A 234 -23.39 15.16 8.90
N TYR A 235 -24.67 15.40 9.20
CA TYR A 235 -25.15 15.16 10.57
C TYR A 235 -26.63 14.74 10.65
N GLU A 236 -27.06 14.25 11.83
CA GLU A 236 -28.39 13.64 11.99
C GLU A 236 -29.31 14.36 13.00
N HIS A 237 -30.60 14.43 12.66
CA HIS A 237 -31.67 14.73 13.61
C HIS A 237 -32.51 13.47 13.71
N PRO A 238 -32.13 12.56 14.61
CA PRO A 238 -32.88 11.30 14.80
C PRO A 238 -34.34 11.52 15.20
N SER A 239 -34.63 12.62 15.89
CA SER A 239 -36.00 12.92 16.31
C SER A 239 -36.90 13.07 15.09
N HIS A 240 -36.37 13.68 14.02
CA HIS A 240 -37.15 13.96 12.82
C HIS A 240 -36.80 13.09 11.63
N ASP A 241 -36.00 12.05 11.84
CA ASP A 241 -35.54 11.22 10.72
C ASP A 241 -34.96 12.06 9.58
N LEU A 242 -34.07 12.99 9.93
CA LEU A 242 -33.48 13.89 8.94
C LEU A 242 -31.98 13.77 8.95
N ILE A 243 -31.38 13.71 7.78
CA ILE A 243 -29.95 13.81 7.72
C ILE A 243 -29.62 15.14 7.01
N PHE A 244 -28.57 15.82 7.46
CA PHE A 244 -28.14 17.05 6.82
C PHE A 244 -26.79 16.86 6.13
N ILE A 245 -26.71 17.30 4.87
CA ILE A 245 -25.52 17.11 4.05
C ILE A 245 -24.95 18.45 3.55
N PHE A 246 -23.64 18.66 3.75
CA PHE A 246 -23.00 19.92 3.37
C PHE A 246 -22.05 19.70 2.21
N ARG A 247 -22.06 20.65 1.29
CA ARG A 247 -21.06 20.71 0.21
C ARG A 247 -20.94 22.16 -0.22
N GLY A 248 -19.73 22.69 -0.12
CA GLY A 248 -19.50 24.11 -0.36
C GLY A 248 -20.40 24.96 0.50
N ARG A 249 -21.05 25.96 -0.12
CA ARG A 249 -21.95 26.84 0.62
C ARG A 249 -23.40 26.36 0.63
N LYS A 250 -23.68 25.26 -0.05
CA LYS A 250 -25.02 24.66 -0.02
C LYS A 250 -25.14 23.61 1.09
N PHE A 251 -26.38 23.40 1.56
CA PHE A 251 -26.70 22.22 2.37
C PHE A 251 -28.13 21.71 2.15
N TRP A 252 -28.30 20.39 2.27
CA TRP A 252 -29.58 19.72 2.05
C TRP A 252 -30.08 19.07 3.32
N ALA A 253 -31.40 18.95 3.44
CA ALA A 253 -31.99 18.14 4.49
C ALA A 253 -32.67 16.97 3.80
N LEU A 254 -32.43 15.78 4.31
CA LEU A 254 -32.93 14.58 3.65
C LEU A 254 -33.82 13.78 4.57
N ASN A 255 -34.94 13.31 4.03
CA ASN A 255 -35.82 12.43 4.76
C ASN A 255 -35.85 11.14 3.97
N GLY A 256 -35.21 10.10 4.52
CA GLY A 256 -34.93 8.89 3.77
C GLY A 256 -34.19 9.23 2.50
N TYR A 257 -34.84 9.00 1.36
CA TYR A 257 -34.25 9.29 0.05
C TYR A 257 -34.73 10.65 -0.49
N ASP A 258 -35.44 11.41 0.34
CA ASP A 258 -36.10 12.62 -0.14
C ASP A 258 -35.48 13.94 0.33
N ILE A 259 -35.16 14.82 -0.63
CA ILE A 259 -34.71 16.18 -0.28
C ILE A 259 -35.93 16.98 0.15
N LEU A 260 -35.94 17.45 1.39
CA LEU A 260 -37.04 18.27 1.89
C LEU A 260 -37.35 19.45 0.97
N GLU A 261 -38.61 19.85 0.98
CA GLU A 261 -39.06 21.08 0.35
C GLU A 261 -38.17 22.25 0.74
N GLY A 262 -37.58 22.92 -0.24
CA GLY A 262 -36.81 24.13 0.03
C GLY A 262 -35.31 23.99 -0.03
N TYR A 263 -34.82 22.75 -0.11
CA TYR A 263 -33.38 22.52 -0.12
C TYR A 263 -32.92 22.23 -1.54
N PRO A 264 -31.64 22.51 -1.84
CA PRO A 264 -30.58 23.01 -0.94
C PRO A 264 -30.74 24.46 -0.50
N LYS A 265 -30.20 24.81 0.67
CA LYS A 265 -30.15 26.21 1.10
C LYS A 265 -28.70 26.69 1.19
N LYS A 266 -28.49 28.00 1.31
CA LYS A 266 -27.13 28.49 1.50
C LYS A 266 -26.78 28.34 2.98
N ILE A 267 -25.51 28.09 3.28
CA ILE A 267 -25.07 27.94 4.67
C ILE A 267 -25.12 29.27 5.41
N SER A 268 -25.14 30.36 4.64
CA SER A 268 -25.25 31.70 5.20
C SER A 268 -26.55 31.86 5.96
N GLU A 269 -27.59 31.15 5.51
CA GLU A 269 -28.88 31.11 6.20
C GLU A 269 -28.75 30.61 7.63
N LEU A 270 -27.74 29.77 7.87
CA LEU A 270 -27.44 29.27 9.20
C LEU A 270 -26.83 30.34 10.10
N GLY A 271 -26.47 31.48 9.53
CA GLY A 271 -25.77 32.50 10.30
C GLY A 271 -24.26 32.38 10.16
N LEU A 272 -23.81 31.78 9.07
CA LEU A 272 -22.39 31.75 8.76
C LEU A 272 -21.99 33.02 8.04
N PRO A 273 -20.80 33.54 8.38
CA PRO A 273 -20.19 34.62 7.61
C PRO A 273 -20.10 34.21 6.15
N LYS A 274 -20.14 35.19 5.25
CA LYS A 274 -20.22 34.90 3.83
C LYS A 274 -18.87 34.42 3.34
N GLU A 275 -17.84 34.67 4.15
CA GLU A 275 -16.48 34.22 3.87
C GLU A 275 -16.19 32.79 4.33
N VAL A 276 -17.12 32.18 5.08
CA VAL A 276 -17.02 30.73 5.33
C VAL A 276 -17.43 30.05 4.04
N LYS A 277 -16.53 29.25 3.45
CA LYS A 277 -16.81 28.69 2.13
C LYS A 277 -16.95 27.17 2.08
N LYS A 278 -16.84 26.53 3.25
CA LYS A 278 -17.21 25.13 3.40
C LYS A 278 -17.24 24.77 4.88
N ILE A 279 -18.12 23.82 5.22
CA ILE A 279 -18.18 23.25 6.56
C ILE A 279 -17.38 21.96 6.52
N SER A 280 -16.34 21.84 7.35
CA SER A 280 -15.44 20.69 7.23
C SER A 280 -15.94 19.43 7.94
N ALA A 281 -16.82 19.63 8.92
CA ALA A 281 -17.31 18.54 9.74
C ALA A 281 -18.47 19.07 10.58
N ALA A 282 -19.34 18.17 11.04
CA ALA A 282 -20.53 18.61 11.74
C ALA A 282 -21.06 17.49 12.62
N VAL A 283 -21.62 17.85 13.78
CA VAL A 283 -22.22 16.83 14.64
C VAL A 283 -23.36 17.46 15.42
N HIS A 284 -24.45 16.70 15.56
CA HIS A 284 -25.60 17.13 16.34
C HIS A 284 -25.72 16.36 17.64
N PHE A 285 -26.12 17.06 18.70
CA PHE A 285 -26.41 16.44 19.99
C PHE A 285 -27.91 16.56 20.31
N GLU A 286 -28.66 15.46 20.29
CA GLU A 286 -30.12 15.60 20.41
C GLU A 286 -30.61 15.94 21.81
N ASP A 287 -29.90 15.49 22.84
CA ASP A 287 -30.29 15.83 24.22
C ASP A 287 -29.96 17.27 24.58
N THR A 288 -29.54 18.06 23.60
CA THR A 288 -29.18 19.44 23.85
C THR A 288 -29.81 20.32 22.79
N GLY A 289 -30.16 19.69 21.66
CA GLY A 289 -30.65 20.42 20.52
C GLY A 289 -29.59 21.31 19.89
N LYS A 290 -28.32 20.98 20.12
CA LYS A 290 -27.22 21.79 19.60
C LYS A 290 -26.35 21.08 18.56
N THR A 291 -26.06 21.78 17.48
CA THR A 291 -25.18 21.25 16.44
C THR A 291 -23.85 21.98 16.43
N LEU A 292 -22.75 21.22 16.38
CA LEU A 292 -21.43 21.82 16.27
C LEU A 292 -21.09 21.83 14.80
N LEU A 293 -20.50 22.92 14.32
CA LEU A 293 -20.05 22.98 12.92
C LEU A 293 -18.59 23.46 12.85
N PHE A 294 -17.76 22.74 12.11
CA PHE A 294 -16.34 23.08 12.05
C PHE A 294 -15.97 23.62 10.68
N SER A 295 -14.98 24.50 10.64
CA SER A 295 -14.45 25.04 9.38
C SER A 295 -13.09 25.65 9.69
N GLY A 296 -12.07 25.24 8.92
CA GLY A 296 -10.70 25.61 9.24
C GLY A 296 -10.38 25.22 10.67
N ASN A 297 -10.03 26.20 11.50
CA ASN A 297 -9.68 25.92 12.89
C ASN A 297 -10.71 26.45 13.89
N GLN A 298 -11.92 26.69 13.40
CA GLN A 298 -12.97 27.27 14.23
C GLN A 298 -14.18 26.35 14.41
N VAL A 299 -14.98 26.60 15.44
CA VAL A 299 -16.25 25.91 15.67
C VAL A 299 -17.38 26.93 15.82
N TRP A 300 -18.53 26.62 15.24
CA TRP A 300 -19.76 27.34 15.52
C TRP A 300 -20.68 26.36 16.23
N ARG A 301 -21.43 26.83 17.22
CA ARG A 301 -22.52 26.05 17.78
C ARG A 301 -23.87 26.64 17.37
N TYR A 302 -24.71 25.81 16.76
CA TYR A 302 -26.02 26.26 16.30
C TYR A 302 -27.12 25.70 17.18
N ASP A 303 -28.06 26.58 17.56
CA ASP A 303 -29.20 26.19 18.37
C ASP A 303 -30.31 25.68 17.44
N ASP A 304 -30.52 24.36 17.42
CA ASP A 304 -31.48 23.74 16.52
C ASP A 304 -32.93 23.86 16.99
N THR A 305 -33.13 24.38 18.20
CA THR A 305 -34.47 24.68 18.69
C THR A 305 -34.89 26.09 18.24
N ASN A 306 -34.22 27.10 18.77
CA ASN A 306 -34.54 28.49 18.51
C ASN A 306 -34.12 28.97 17.12
N HIS A 307 -33.48 28.06 16.37
CA HIS A 307 -33.07 28.29 14.99
C HIS A 307 -32.10 29.45 14.72
N ILE A 308 -31.14 29.61 15.64
CA ILE A 308 -30.11 30.63 15.49
C ILE A 308 -28.77 30.15 16.01
N MET A 309 -27.73 30.91 15.69
CA MET A 309 -26.39 30.63 16.18
C MET A 309 -26.37 31.01 17.65
N ASP A 310 -25.63 30.26 18.46
CA ASP A 310 -25.39 30.65 19.85
C ASP A 310 -24.42 31.84 19.86
N LYS A 311 -24.41 32.59 20.95
CA LYS A 311 -23.84 33.94 20.94
C LYS A 311 -22.31 34.01 20.96
N ASP A 312 -21.68 33.08 21.67
CA ASP A 312 -20.24 33.14 21.90
C ASP A 312 -19.40 32.52 20.78
N TYR A 313 -19.96 32.47 19.57
CA TYR A 313 -19.32 31.76 18.49
C TYR A 313 -19.02 32.68 17.32
N PRO A 314 -17.97 32.37 16.53
CA PRO A 314 -17.16 31.14 16.56
C PRO A 314 -16.10 31.13 17.64
N ARG A 315 -15.62 29.93 17.94
CA ARG A 315 -14.51 29.76 18.85
C ARG A 315 -13.44 28.94 18.15
N LEU A 316 -12.25 28.88 18.75
CA LEU A 316 -11.16 28.07 18.21
C LEU A 316 -11.25 26.63 18.72
N ILE A 317 -11.03 25.67 17.81
CA ILE A 317 -10.98 24.25 18.16
C ILE A 317 -9.91 23.99 19.22
N GLU A 318 -8.81 24.74 19.14
N GLU A 318 -8.80 24.73 19.13
CA GLU A 318 -7.69 24.56 20.05
CA GLU A 318 -7.69 24.58 20.05
C GLU A 318 -8.04 24.95 21.49
C GLU A 318 -8.06 24.93 21.48
N GLU A 319 -9.04 25.81 21.62
CA GLU A 319 -9.50 26.26 22.93
C GLU A 319 -10.55 25.28 23.48
N ASP A 320 -11.52 24.92 22.65
CA ASP A 320 -12.60 24.05 23.12
C ASP A 320 -12.28 22.54 23.10
N PHE A 321 -11.35 22.13 22.24
CA PHE A 321 -10.94 20.73 22.15
C PHE A 321 -9.43 20.63 22.00
N PRO A 322 -8.71 20.94 23.09
CA PRO A 322 -7.24 20.91 23.09
C PRO A 322 -6.68 19.56 22.65
N GLY A 323 -5.72 19.55 21.74
CA GLY A 323 -5.05 18.31 21.43
C GLY A 323 -5.50 17.55 20.19
N ILE A 324 -6.51 18.02 19.49
CA ILE A 324 -6.92 17.29 18.29
C ILE A 324 -6.38 17.86 16.99
N GLY A 325 -5.44 18.80 17.09
CA GLY A 325 -4.93 19.43 15.89
C GLY A 325 -5.69 20.70 15.50
N ASP A 326 -5.59 21.09 14.24
CA ASP A 326 -6.04 22.40 13.78
C ASP A 326 -7.19 22.34 12.78
N LYS A 327 -7.68 21.12 12.51
CA LYS A 327 -8.80 20.93 11.60
C LYS A 327 -9.60 19.68 11.95
N VAL A 328 -10.86 19.65 11.53
CA VAL A 328 -11.67 18.47 11.71
C VAL A 328 -12.21 18.01 10.36
N ASP A 329 -11.79 16.82 9.95
CA ASP A 329 -12.21 16.26 8.66
C ASP A 329 -13.64 15.78 8.70
N ALA A 330 -14.01 15.20 9.84
CA ALA A 330 -15.29 14.51 10.02
C ALA A 330 -15.45 14.24 11.51
N VAL A 331 -16.67 14.19 11.99
CA VAL A 331 -16.82 14.02 13.42
C VAL A 331 -18.16 13.37 13.71
N TYR A 332 -18.20 12.45 14.66
CA TYR A 332 -19.50 11.99 15.09
C TYR A 332 -19.46 11.76 16.59
N GLU A 333 -20.60 11.42 17.15
CA GLU A 333 -20.76 11.34 18.59
C GLU A 333 -21.49 10.05 18.93
N LYS A 334 -21.07 9.43 20.03
CA LYS A 334 -21.65 8.16 20.46
C LYS A 334 -21.32 7.97 21.94
N ASN A 335 -22.34 7.66 22.75
CA ASN A 335 -22.15 7.23 24.14
C ASN A 335 -21.35 8.20 25.01
N GLY A 336 -21.55 9.51 24.82
CA GLY A 336 -20.79 10.49 25.57
C GLY A 336 -19.38 10.73 25.03
N TYR A 337 -19.09 10.14 23.86
CA TYR A 337 -17.79 10.35 23.23
C TYR A 337 -17.92 11.05 21.89
N ILE A 338 -17.03 12.01 21.65
CA ILE A 338 -16.94 12.64 20.34
C ILE A 338 -15.75 12.05 19.58
N TYR A 339 -15.96 11.66 18.32
CA TYR A 339 -14.86 11.08 17.54
C TYR A 339 -14.39 12.05 16.47
N PHE A 340 -13.20 12.61 16.67
CA PHE A 340 -12.66 13.62 15.77
C PHE A 340 -11.70 13.00 14.73
N PHE A 341 -11.95 13.22 13.45
CA PHE A 341 -11.05 12.67 12.43
C PHE A 341 -10.13 13.75 11.86
N ASN A 342 -8.83 13.46 11.87
CA ASN A 342 -7.84 14.40 11.33
C ASN A 342 -6.84 13.58 10.50
N GLY A 343 -6.97 13.60 9.19
CA GLY A 343 -6.16 12.74 8.33
C GLY A 343 -6.36 11.29 8.69
N PRO A 344 -5.24 10.55 8.84
CA PRO A 344 -5.30 9.11 9.09
C PRO A 344 -5.60 8.72 10.55
N ILE A 345 -5.87 9.71 11.40
CA ILE A 345 -6.10 9.44 12.83
C ILE A 345 -7.52 9.78 13.28
N GLN A 346 -8.00 9.10 14.31
CA GLN A 346 -9.19 9.58 15.00
C GLN A 346 -8.93 9.78 16.49
N PHE A 347 -9.42 10.89 17.02
CA PHE A 347 -9.30 11.20 18.43
C PHE A 347 -10.63 10.86 19.11
N GLU A 348 -10.60 9.99 20.12
CA GLU A 348 -11.77 9.75 20.95
C GLU A 348 -11.78 10.72 22.12
N TYR A 349 -12.74 11.65 22.10
CA TYR A 349 -12.80 12.71 23.08
C TYR A 349 -13.91 12.44 24.07
N SER A 350 -13.58 12.43 25.35
CA SER A 350 -14.63 12.25 26.35
C SER A 350 -15.25 13.57 26.75
N ILE A 351 -16.54 13.71 26.50
CA ILE A 351 -17.30 14.85 27.00
C ILE A 351 -17.26 14.87 28.52
N TRP A 352 -17.51 13.71 29.13
CA TRP A 352 -17.44 13.56 30.57
C TRP A 352 -16.16 14.16 31.19
N SER A 353 -14.97 13.73 30.78
CA SER A 353 -13.77 14.23 31.44
C SER A 353 -13.08 15.34 30.67
N ASN A 354 -13.74 15.77 29.60
CA ASN A 354 -13.21 16.82 28.73
C ASN A 354 -11.72 16.65 28.40
N ARG A 355 -11.39 15.50 27.82
CA ARG A 355 -10.02 15.17 27.45
C ARG A 355 -10.05 14.05 26.40
N ILE A 356 -8.98 13.93 25.63
CA ILE A 356 -8.83 12.82 24.70
C ILE A 356 -8.46 11.61 25.53
N VAL A 357 -9.16 10.49 25.34
CA VAL A 357 -8.89 9.34 26.17
C VAL A 357 -8.31 8.22 25.35
N ARG A 358 -8.40 8.35 24.04
CA ARG A 358 -7.95 7.29 23.16
C ARG A 358 -7.64 7.82 21.79
N VAL A 359 -6.67 7.19 21.15
CA VAL A 359 -6.24 7.56 19.82
C VAL A 359 -6.07 6.29 18.97
N MET A 360 -6.56 6.31 17.73
CA MET A 360 -6.49 5.14 16.84
C MET A 360 -6.67 5.53 15.37
N PRO A 361 -6.19 4.67 14.43
CA PRO A 361 -6.26 5.03 13.01
C PRO A 361 -7.70 5.23 12.57
N ALA A 362 -7.93 6.14 11.65
CA ALA A 362 -9.28 6.44 11.19
C ALA A 362 -9.98 5.18 10.69
N ASN A 363 -9.25 4.33 9.97
CA ASN A 363 -9.87 3.17 9.34
C ASN A 363 -10.42 2.14 10.32
N SER A 364 -9.96 2.15 11.57
CA SER A 364 -10.44 1.15 12.53
C SER A 364 -11.96 1.21 12.77
N ILE A 365 -12.59 2.33 12.42
CA ILE A 365 -14.05 2.40 12.48
C ILE A 365 -14.69 1.38 11.53
N LEU A 366 -13.94 0.92 10.53
CA LEU A 366 -14.44 -0.04 9.56
C LEU A 366 -13.92 -1.44 9.85
N TRP A 367 -13.45 -1.64 11.09
CA TRP A 367 -13.01 -2.95 11.57
C TRP A 367 -11.79 -3.46 10.82
N CYS A 368 -10.85 -2.57 10.58
CA CYS A 368 -9.72 -2.83 9.69
C CYS A 368 -8.41 -2.33 10.29
N TYR B 1 13.46 -10.52 -7.16
CA TYR B 1 14.40 -11.48 -7.75
C TYR B 1 14.50 -11.37 -9.27
N ASN B 2 15.56 -11.94 -9.83
CA ASN B 2 15.64 -12.12 -11.27
C ASN B 2 16.09 -13.52 -11.61
N VAL B 3 15.54 -14.06 -12.69
CA VAL B 3 15.99 -15.34 -13.20
C VAL B 3 16.61 -15.17 -14.58
N PHE B 4 17.19 -16.24 -15.09
CA PHE B 4 17.72 -16.24 -16.46
C PHE B 4 16.59 -16.64 -17.41
N PRO B 5 16.83 -16.58 -18.74
CA PRO B 5 15.85 -17.17 -19.67
C PRO B 5 15.53 -18.62 -19.32
N ARG B 6 14.29 -19.06 -19.59
CA ARG B 6 13.81 -20.31 -19.02
C ARG B 6 14.59 -21.54 -19.47
N THR B 7 15.37 -21.37 -20.53
CA THR B 7 16.33 -22.38 -20.97
C THR B 7 17.25 -22.79 -19.81
N LEU B 8 17.49 -21.87 -18.88
CA LEU B 8 18.47 -22.08 -17.83
C LEU B 8 17.88 -22.53 -16.48
N LYS B 9 17.25 -23.71 -16.47
CA LYS B 9 16.80 -24.37 -15.25
C LYS B 9 17.27 -25.84 -15.32
N TRP B 10 17.46 -26.49 -14.17
CA TRP B 10 17.76 -27.93 -14.19
C TRP B 10 16.49 -28.75 -14.49
N SER B 11 16.60 -29.79 -15.31
CA SER B 11 15.42 -30.59 -15.62
C SER B 11 15.26 -31.80 -14.69
N LYS B 12 16.12 -31.92 -13.70
CA LYS B 12 16.11 -33.04 -12.77
C LYS B 12 16.22 -32.52 -11.34
N MET B 13 15.75 -33.30 -10.36
CA MET B 13 15.66 -32.78 -9.00
C MET B 13 16.81 -33.29 -8.12
N ASN B 14 17.40 -34.41 -8.50
CA ASN B 14 18.56 -34.90 -7.77
C ASN B 14 19.82 -34.46 -8.50
N LEU B 15 20.48 -33.46 -7.93
CA LEU B 15 21.66 -32.90 -8.54
C LEU B 15 22.89 -33.42 -7.79
N THR B 16 24.02 -33.52 -8.49
CA THR B 16 25.25 -33.94 -7.85
C THR B 16 26.28 -32.82 -7.88
N TYR B 17 27.15 -32.81 -6.89
CA TYR B 17 28.20 -31.82 -6.88
C TYR B 17 29.50 -32.44 -6.42
N ARG B 18 30.60 -31.81 -6.79
CA ARG B 18 31.92 -32.35 -6.48
C ARG B 18 32.85 -31.20 -6.13
N ILE B 19 33.45 -31.27 -4.96
CA ILE B 19 34.50 -30.35 -4.60
C ILE B 19 35.77 -30.84 -5.31
N VAL B 20 36.15 -30.20 -6.41
CA VAL B 20 37.29 -30.66 -7.20
C VAL B 20 38.63 -30.46 -6.49
N ASN B 21 38.81 -29.29 -5.89
CA ASN B 21 39.96 -29.05 -5.04
C ASN B 21 39.51 -28.32 -3.79
N TYR B 22 40.40 -28.08 -2.84
CA TYR B 22 40.01 -27.51 -1.57
C TYR B 22 40.89 -26.32 -1.21
N THR B 23 40.35 -25.33 -0.50
CA THR B 23 41.15 -24.21 0.01
C THR B 23 41.98 -24.64 1.21
N PRO B 24 43.18 -24.04 1.35
CA PRO B 24 44.03 -24.30 2.53
C PRO B 24 43.57 -23.55 3.79
N ASP B 25 42.61 -22.64 3.67
CA ASP B 25 42.19 -21.84 4.81
C ASP B 25 41.34 -22.62 5.81
N MET B 26 40.71 -23.69 5.35
CA MET B 26 39.79 -24.48 6.17
C MET B 26 40.06 -25.96 5.92
N THR B 27 39.77 -26.82 6.90
CA THR B 27 39.93 -28.26 6.69
C THR B 27 38.90 -28.74 5.69
N HIS B 28 39.19 -29.87 5.05
CA HIS B 28 38.29 -30.46 4.07
C HIS B 28 36.91 -30.68 4.70
N SER B 29 36.90 -31.02 5.98
CA SER B 29 35.65 -31.25 6.70
C SER B 29 34.82 -29.96 6.87
N GLU B 30 35.49 -28.86 7.22
CA GLU B 30 34.82 -27.57 7.37
C GLU B 30 34.22 -27.09 6.04
N VAL B 31 34.97 -27.28 4.96
CA VAL B 31 34.54 -26.90 3.63
C VAL B 31 33.36 -27.75 3.21
N GLU B 32 33.43 -29.05 3.50
CA GLU B 32 32.32 -29.94 3.18
C GLU B 32 31.06 -29.57 3.95
N LYS B 33 31.24 -29.21 5.21
CA LYS B 33 30.17 -28.73 6.07
C LYS B 33 29.54 -27.44 5.51
N ALA B 34 30.40 -26.53 5.06
CA ALA B 34 29.96 -25.25 4.49
C ALA B 34 29.10 -25.43 3.23
N PHE B 35 29.57 -26.27 2.30
CA PHE B 35 28.83 -26.50 1.06
C PHE B 35 27.54 -27.27 1.23
N LYS B 36 27.57 -28.28 2.08
CA LYS B 36 26.38 -29.04 2.44
C LYS B 36 25.29 -28.09 2.96
N LYS B 37 25.64 -27.34 3.99
CA LYS B 37 24.74 -26.37 4.61
C LYS B 37 24.26 -25.33 3.60
N ALA B 38 25.14 -24.94 2.67
CA ALA B 38 24.77 -23.97 1.64
C ALA B 38 23.78 -24.55 0.63
N PHE B 39 23.88 -25.85 0.37
CA PHE B 39 22.89 -26.48 -0.48
C PHE B 39 21.60 -26.66 0.27
N LYS B 40 21.69 -26.97 1.56
CA LYS B 40 20.51 -27.19 2.39
C LYS B 40 19.55 -26.00 2.37
N VAL B 41 20.12 -24.81 2.33
CA VAL B 41 19.34 -23.57 2.26
C VAL B 41 18.32 -23.57 1.11
N TRP B 42 18.75 -24.06 -0.05
CA TRP B 42 17.89 -24.14 -1.22
C TRP B 42 17.04 -25.43 -1.30
N SER B 43 17.61 -26.57 -0.90
CA SER B 43 16.86 -27.83 -0.92
C SER B 43 15.69 -27.82 0.08
N ASP B 44 15.86 -27.13 1.20
CA ASP B 44 14.77 -26.95 2.18
C ASP B 44 13.51 -26.31 1.61
N VAL B 45 13.64 -25.50 0.56
CA VAL B 45 12.49 -24.73 0.11
C VAL B 45 12.00 -25.12 -1.27
N THR B 46 12.51 -26.24 -1.78
CA THR B 46 12.24 -26.68 -3.17
C THR B 46 12.24 -28.22 -3.18
N PRO B 47 11.86 -28.84 -4.33
CA PRO B 47 11.94 -30.31 -4.46
C PRO B 47 13.35 -30.85 -4.71
N LEU B 48 14.31 -29.95 -4.85
CA LEU B 48 15.69 -30.32 -5.16
C LEU B 48 16.41 -31.03 -4.00
N ASN B 49 17.34 -31.89 -4.34
CA ASN B 49 18.22 -32.50 -3.33
C ASN B 49 19.61 -32.57 -3.93
N PHE B 50 20.63 -32.67 -3.07
CA PHE B 50 22.02 -32.63 -3.55
C PHE B 50 22.86 -33.74 -2.95
N THR B 51 23.68 -34.35 -3.80
CA THR B 51 24.53 -35.46 -3.40
C THR B 51 25.94 -35.18 -3.83
N ARG B 52 26.89 -35.39 -2.94
CA ARG B 52 28.29 -35.11 -3.23
C ARG B 52 29.04 -36.35 -3.75
N LEU B 53 29.58 -36.26 -4.96
CA LEU B 53 30.45 -37.30 -5.48
C LEU B 53 31.91 -37.09 -5.05
N HIS B 54 32.60 -38.19 -4.75
CA HIS B 54 34.00 -38.13 -4.40
C HIS B 54 34.89 -38.00 -5.63
N ASP B 55 34.41 -38.50 -6.77
CA ASP B 55 35.17 -38.45 -8.03
C ASP B 55 34.26 -38.38 -9.25
N GLY B 56 34.86 -38.30 -10.44
CA GLY B 56 34.07 -38.27 -11.66
C GLY B 56 33.42 -36.91 -11.90
N ILE B 57 32.48 -36.86 -12.85
CA ILE B 57 31.87 -35.58 -13.21
C ILE B 57 30.51 -35.36 -12.55
N ALA B 58 30.40 -34.29 -11.78
CA ALA B 58 29.11 -33.91 -11.19
C ALA B 58 28.50 -32.75 -11.95
N ASP B 59 27.20 -32.53 -11.74
CA ASP B 59 26.48 -31.42 -12.37
C ASP B 59 27.09 -30.07 -11.99
N ILE B 60 27.33 -29.88 -10.70
CA ILE B 60 27.91 -28.64 -10.19
C ILE B 60 29.32 -28.93 -9.73
N MET B 61 30.29 -28.58 -10.57
CA MET B 61 31.68 -28.76 -10.19
C MET B 61 32.13 -27.54 -9.39
N ILE B 62 32.81 -27.77 -8.27
CA ILE B 62 33.19 -26.68 -7.39
C ILE B 62 34.69 -26.63 -7.22
N SER B 63 35.28 -25.45 -7.35
CA SER B 63 36.74 -25.33 -7.25
C SER B 63 37.21 -24.00 -6.70
N PHE B 64 38.45 -23.99 -6.22
CA PHE B 64 39.07 -22.77 -5.69
C PHE B 64 40.17 -22.34 -6.62
N GLY B 65 40.21 -21.06 -6.95
CA GLY B 65 41.17 -20.60 -7.93
C GLY B 65 41.88 -19.32 -7.55
N ILE B 66 43.07 -19.15 -8.13
CA ILE B 66 43.85 -17.95 -7.92
C ILE B 66 44.11 -17.27 -9.27
N LYS B 67 43.84 -15.96 -9.33
CA LYS B 67 43.99 -15.16 -10.55
C LYS B 67 43.42 -15.90 -11.75
N GLU B 68 44.29 -16.19 -12.72
CA GLU B 68 43.88 -16.98 -13.87
C GLU B 68 43.86 -18.45 -13.47
N HIS B 69 42.70 -19.08 -13.59
CA HIS B 69 42.56 -20.43 -13.06
C HIS B 69 41.97 -21.37 -14.08
N GLY B 70 41.94 -20.95 -15.34
CA GLY B 70 41.57 -21.89 -16.39
C GLY B 70 40.37 -21.57 -17.25
N ASP B 71 39.56 -20.56 -16.90
CA ASP B 71 38.39 -20.21 -17.72
C ASP B 71 38.48 -18.81 -18.34
N PHE B 72 39.67 -18.20 -18.27
CA PHE B 72 39.91 -16.85 -18.81
C PHE B 72 39.03 -15.75 -18.18
N TYR B 73 38.50 -16.03 -17.00
CA TYR B 73 37.84 -15.03 -16.17
C TYR B 73 38.56 -14.96 -14.83
N PRO B 74 39.72 -14.31 -14.83
CA PRO B 74 40.64 -14.40 -13.69
C PRO B 74 40.11 -13.66 -12.48
N PHE B 75 40.52 -14.13 -11.31
CA PHE B 75 40.24 -13.45 -10.05
C PHE B 75 41.28 -12.36 -9.86
N ASP B 76 41.22 -11.67 -8.73
CA ASP B 76 41.85 -10.34 -8.64
C ASP B 76 42.56 -10.09 -7.31
N GLY B 77 42.88 -11.14 -6.58
CA GLY B 77 43.56 -10.96 -5.30
C GLY B 77 42.58 -10.68 -4.18
N PRO B 78 43.09 -10.42 -2.97
CA PRO B 78 42.24 -10.28 -1.77
C PRO B 78 41.10 -9.29 -1.97
N SER B 79 39.93 -9.60 -1.41
CA SER B 79 38.71 -8.79 -1.60
C SER B 79 38.32 -8.64 -3.07
N GLY B 80 37.50 -7.64 -3.37
CA GLY B 80 36.99 -7.47 -4.72
C GLY B 80 36.14 -8.65 -5.15
N LEU B 81 36.48 -9.24 -6.29
CA LEU B 81 35.82 -10.44 -6.76
C LEU B 81 35.99 -11.56 -5.73
N LEU B 82 34.91 -12.28 -5.44
CA LEU B 82 34.92 -13.21 -4.33
C LEU B 82 34.79 -14.59 -4.92
N ALA B 83 34.02 -14.66 -6.00
CA ALA B 83 33.62 -15.92 -6.60
C ALA B 83 32.77 -15.63 -7.81
N HIS B 84 32.67 -16.61 -8.68
CA HIS B 84 31.74 -16.51 -9.78
C HIS B 84 31.11 -17.87 -10.11
N ALA B 85 29.90 -17.87 -10.66
CA ALA B 85 29.25 -19.13 -11.01
C ALA B 85 28.49 -19.07 -12.34
N PHE B 86 28.22 -20.24 -12.90
CA PHE B 86 27.49 -20.36 -14.14
C PHE B 86 26.11 -20.89 -13.81
N PRO B 87 25.09 -20.49 -14.59
CA PRO B 87 23.69 -20.93 -14.44
C PRO B 87 23.54 -22.38 -14.92
N PRO B 88 22.37 -23.00 -14.72
CA PRO B 88 22.19 -24.42 -15.11
C PRO B 88 22.53 -24.70 -16.58
N GLY B 89 23.08 -25.89 -16.85
CA GLY B 89 23.42 -26.28 -18.20
C GLY B 89 24.45 -27.40 -18.20
N PRO B 90 24.69 -28.02 -19.36
CA PRO B 90 25.75 -29.03 -19.52
C PRO B 90 27.14 -28.46 -19.23
N ASN B 91 28.08 -29.32 -18.84
CA ASN B 91 29.50 -28.94 -18.69
C ASN B 91 29.77 -27.84 -17.65
N TYR B 92 30.26 -26.68 -18.10
CA TYR B 92 30.53 -25.57 -17.19
C TYR B 92 29.29 -25.07 -16.45
N GLY B 93 28.11 -25.26 -17.05
CA GLY B 93 26.86 -24.87 -16.42
C GLY B 93 26.73 -25.38 -15.00
N GLY B 94 26.31 -24.51 -14.09
CA GLY B 94 26.23 -24.90 -12.70
C GLY B 94 27.52 -24.81 -11.92
N ASP B 95 28.66 -24.72 -12.59
CA ASP B 95 29.92 -24.71 -11.85
C ASP B 95 30.12 -23.42 -11.07
N ALA B 96 30.80 -23.54 -9.94
CA ALA B 96 31.11 -22.40 -9.07
C ALA B 96 32.60 -22.40 -8.71
N HIS B 97 33.24 -21.24 -8.89
CA HIS B 97 34.64 -21.06 -8.57
C HIS B 97 34.82 -20.01 -7.48
N PHE B 98 35.69 -20.28 -6.52
CA PHE B 98 35.96 -19.31 -5.46
C PHE B 98 37.39 -18.77 -5.51
N ASP B 99 37.54 -17.47 -5.25
CA ASP B 99 38.86 -16.84 -5.26
C ASP B 99 39.66 -17.29 -4.02
N ASP B 100 40.69 -18.11 -4.22
CA ASP B 100 41.49 -18.54 -3.08
C ASP B 100 42.46 -17.48 -2.54
N ASP B 101 42.48 -16.28 -3.13
CA ASP B 101 43.23 -15.18 -2.53
C ASP B 101 42.49 -14.59 -1.34
N GLU B 102 41.23 -14.98 -1.21
CA GLU B 102 40.44 -14.65 -0.04
C GLU B 102 40.82 -15.57 1.10
N THR B 103 40.61 -15.07 2.32
CA THR B 103 40.74 -15.91 3.49
C THR B 103 39.38 -16.51 3.82
N TRP B 104 39.17 -17.77 3.44
CA TRP B 104 37.91 -18.44 3.73
C TRP B 104 37.85 -18.88 5.17
N THR B 105 36.71 -18.65 5.82
CA THR B 105 36.51 -19.09 7.19
C THR B 105 35.07 -19.52 7.41
N SER B 106 34.80 -20.01 8.61
CA SER B 106 33.43 -20.30 9.01
C SER B 106 33.04 -19.42 10.19
N SER B 107 33.64 -18.24 10.25
CA SER B 107 33.41 -17.27 11.33
C SER B 107 33.08 -15.89 10.78
N SER B 108 33.34 -14.84 11.56
CA SER B 108 33.05 -13.46 11.12
C SER B 108 34.22 -12.89 10.32
N LYS B 109 35.40 -13.49 10.54
CA LYS B 109 36.65 -13.04 9.94
C LYS B 109 36.77 -13.53 8.48
N GLY B 110 37.71 -12.95 7.75
CA GLY B 110 37.86 -13.22 6.33
C GLY B 110 36.54 -13.15 5.60
N TYR B 111 36.29 -14.11 4.73
CA TYR B 111 34.99 -14.22 4.10
C TYR B 111 34.39 -15.56 4.48
N ASN B 112 33.13 -15.51 4.92
CA ASN B 112 32.41 -16.71 5.35
C ASN B 112 32.04 -17.55 4.12
N LEU B 113 32.70 -18.70 3.94
CA LEU B 113 32.50 -19.54 2.75
C LEU B 113 31.03 -19.97 2.59
N PHE B 114 30.38 -20.25 3.71
CA PHE B 114 29.01 -20.69 3.61
C PHE B 114 28.12 -19.59 3.00
N LEU B 115 28.25 -18.37 3.49
CA LEU B 115 27.50 -17.23 2.94
C LEU B 115 27.77 -17.10 1.44
N VAL B 116 29.05 -17.07 1.05
CA VAL B 116 29.40 -16.93 -0.36
C VAL B 116 28.88 -18.10 -1.20
N ALA B 117 29.04 -19.32 -0.69
CA ALA B 117 28.58 -20.49 -1.43
C ALA B 117 27.06 -20.46 -1.62
N ALA B 118 26.33 -20.10 -0.58
CA ALA B 118 24.87 -19.97 -0.68
C ALA B 118 24.47 -19.01 -1.82
N HIS B 119 25.11 -17.84 -1.87
CA HIS B 119 24.88 -16.92 -2.97
C HIS B 119 25.21 -17.58 -4.31
N ALA B 120 26.43 -18.08 -4.41
CA ALA B 120 26.89 -18.68 -5.67
C ALA B 120 25.93 -19.77 -6.14
N PHE B 121 25.56 -20.68 -5.24
CA PHE B 121 24.68 -21.78 -5.62
C PHE B 121 23.33 -21.31 -6.16
N GLY B 122 22.87 -20.14 -5.70
CA GLY B 122 21.70 -19.51 -6.31
C GLY B 122 21.88 -19.35 -7.80
N HIS B 123 23.09 -18.96 -8.23
CA HIS B 123 23.36 -18.85 -9.66
C HIS B 123 23.32 -20.23 -10.30
N SER B 124 23.97 -21.21 -9.66
CA SER B 124 24.02 -22.59 -10.15
C SER B 124 22.62 -23.17 -10.34
N LEU B 125 21.68 -22.68 -9.54
CA LEU B 125 20.31 -23.15 -9.63
C LEU B 125 19.41 -22.36 -10.60
N GLY B 126 19.85 -21.18 -11.07
CA GLY B 126 19.04 -20.45 -12.03
C GLY B 126 18.62 -19.05 -11.64
N LEU B 127 19.05 -18.61 -10.46
CA LEU B 127 18.79 -17.23 -10.01
C LEU B 127 19.89 -16.26 -10.45
N ASP B 128 19.46 -15.13 -11.00
CA ASP B 128 20.35 -14.04 -11.30
C ASP B 128 20.35 -13.10 -10.10
N HIS B 129 21.09 -12.00 -10.19
CA HIS B 129 21.16 -11.04 -9.10
C HIS B 129 19.83 -10.33 -8.85
N SER B 130 19.59 -10.01 -7.59
CA SER B 130 18.38 -9.34 -7.17
C SER B 130 18.66 -7.86 -6.91
N LYS B 131 17.63 -7.03 -7.07
CA LYS B 131 17.71 -5.61 -6.74
C LYS B 131 17.42 -5.39 -5.25
N ASP B 132 16.82 -6.39 -4.61
CA ASP B 132 16.39 -6.31 -3.21
C ASP B 132 17.63 -6.42 -2.31
N PRO B 133 17.93 -5.36 -1.53
CA PRO B 133 19.14 -5.36 -0.68
C PRO B 133 19.11 -6.41 0.44
N GLY B 134 17.91 -6.85 0.84
CA GLY B 134 17.82 -7.90 1.83
C GLY B 134 17.85 -9.31 1.23
N ALA B 135 18.00 -9.42 -0.09
CA ALA B 135 18.10 -10.73 -0.74
C ALA B 135 19.51 -11.33 -0.63
N LEU B 136 19.59 -12.67 -0.54
CA LEU B 136 20.87 -13.38 -0.61
C LEU B 136 21.54 -13.11 -1.96
N MET B 137 20.72 -12.99 -2.99
CA MET B 137 21.20 -12.79 -4.36
C MET B 137 21.62 -11.35 -4.74
N PHE B 138 21.59 -10.43 -3.76
CA PHE B 138 22.19 -9.10 -3.97
C PHE B 138 23.68 -9.25 -4.30
N PRO B 139 24.21 -8.43 -5.24
CA PRO B 139 25.55 -8.76 -5.74
C PRO B 139 26.67 -8.37 -4.80
N ILE B 140 26.38 -7.73 -3.67
CA ILE B 140 27.47 -7.34 -2.77
C ILE B 140 27.38 -8.05 -1.42
N TYR B 141 28.47 -8.68 -0.99
CA TYR B 141 28.51 -9.42 0.29
C TYR B 141 28.39 -8.52 1.54
N THR B 142 27.56 -8.96 2.50
CA THR B 142 27.55 -8.40 3.85
C THR B 142 27.51 -9.58 4.81
N TYR B 143 28.42 -9.65 5.76
CA TYR B 143 28.38 -10.73 6.75
C TYR B 143 27.15 -10.56 7.63
N THR B 144 26.25 -11.53 7.56
CA THR B 144 24.90 -11.42 8.10
C THR B 144 24.86 -11.43 9.64
N GLY B 145 25.86 -12.06 10.24
CA GLY B 145 25.89 -12.18 11.67
C GLY B 145 26.11 -13.62 12.09
N LYS B 146 26.02 -13.84 13.40
CA LYS B 146 26.37 -15.09 14.03
C LYS B 146 25.21 -16.09 14.05
N SER B 147 23.98 -15.58 14.13
CA SER B 147 22.80 -16.39 14.37
C SER B 147 22.45 -17.31 13.19
N HIS B 148 21.51 -18.23 13.42
CA HIS B 148 21.10 -19.17 12.37
C HIS B 148 20.59 -18.41 11.16
N PHE B 149 21.20 -18.69 10.02
CA PHE B 149 20.86 -18.08 8.76
C PHE B 149 19.42 -18.41 8.36
N MET B 150 18.72 -17.41 7.80
CA MET B 150 17.38 -17.61 7.26
C MET B 150 17.32 -17.14 5.81
N LEU B 151 16.89 -18.00 4.90
CA LEU B 151 16.84 -17.64 3.50
C LEU B 151 15.77 -16.56 3.35
N PRO B 152 16.15 -15.40 2.80
CA PRO B 152 15.21 -14.27 2.75
C PRO B 152 14.09 -14.54 1.78
N ASP B 153 12.92 -13.96 2.04
CA ASP B 153 11.73 -14.21 1.25
C ASP B 153 11.94 -14.04 -0.25
N ASP B 154 12.70 -13.02 -0.64
CA ASP B 154 12.95 -12.74 -2.05
C ASP B 154 13.54 -13.92 -2.81
N ASP B 155 14.52 -14.59 -2.18
CA ASP B 155 15.19 -15.73 -2.82
C ASP B 155 14.32 -16.99 -2.82
N VAL B 156 13.50 -17.13 -1.77
CA VAL B 156 12.49 -18.17 -1.71
C VAL B 156 11.55 -18.08 -2.91
N GLN B 157 10.95 -16.91 -3.12
CA GLN B 157 10.05 -16.69 -4.25
C GLN B 157 10.73 -16.92 -5.59
N GLY B 158 11.97 -16.45 -5.71
CA GLY B 158 12.76 -16.68 -6.90
C GLY B 158 12.93 -18.15 -7.21
N ILE B 159 13.43 -18.89 -6.22
CA ILE B 159 13.76 -20.31 -6.45
C ILE B 159 12.49 -21.15 -6.61
N GLN B 160 11.46 -20.87 -5.81
CA GLN B 160 10.18 -21.54 -6.01
C GLN B 160 9.52 -21.23 -7.34
N SER B 161 9.88 -20.12 -7.97
CA SER B 161 9.35 -19.77 -9.28
C SER B 161 9.92 -20.66 -10.37
N LEU B 162 11.07 -21.26 -10.07
CA LEU B 162 11.74 -22.16 -11.01
C LEU B 162 11.36 -23.61 -10.76
N TYR B 163 11.27 -24.01 -9.49
CA TYR B 163 11.17 -25.42 -9.16
C TYR B 163 9.97 -25.75 -8.30
N GLY B 164 9.32 -24.72 -7.74
CA GLY B 164 8.20 -24.93 -6.86
C GLY B 164 8.63 -25.24 -5.44
N PRO B 165 7.66 -25.45 -4.56
CA PRO B 165 7.98 -25.71 -3.16
C PRO B 165 8.43 -27.14 -2.94
N GLY B 166 9.01 -27.41 -1.78
CA GLY B 166 9.36 -28.76 -1.42
C GLY B 166 8.24 -29.32 -0.56
N ASP B 167 8.45 -30.51 0.01
CA ASP B 167 7.39 -31.13 0.78
C ASP B 167 7.04 -30.33 2.03
N GLU B 168 8.04 -29.96 2.81
CA GLU B 168 7.83 -28.93 3.83
C GLU B 168 9.09 -28.26 4.35
N ASP B 169 9.01 -26.93 4.40
CA ASP B 169 10.02 -26.05 4.98
C ASP B 169 10.28 -26.39 6.45
N PRO B 170 11.50 -26.85 6.77
CA PRO B 170 11.92 -27.13 8.16
C PRO B 170 11.90 -25.85 8.98
N ASN B 171 12.52 -24.81 8.44
CA ASN B 171 12.64 -23.52 9.11
C ASN B 171 11.97 -22.41 8.29
N PRO B 172 10.62 -22.35 8.34
CA PRO B 172 9.79 -21.50 7.47
C PRO B 172 9.71 -20.02 7.85
N LYS B 173 10.83 -19.49 8.32
CA LYS B 173 10.96 -18.09 8.64
C LYS B 173 11.80 -17.40 7.55
N HIS B 174 11.15 -16.56 6.75
CA HIS B 174 11.87 -15.89 5.66
C HIS B 174 11.63 -14.39 5.66
N PRO B 175 12.57 -13.63 6.26
CA PRO B 175 12.44 -12.17 6.40
C PRO B 175 12.13 -11.50 5.06
N LYS B 176 11.08 -10.69 5.05
CA LYS B 176 10.74 -9.94 3.86
C LYS B 176 11.34 -8.54 4.03
N THR B 177 11.81 -7.97 2.92
CA THR B 177 12.34 -6.61 2.94
C THR B 177 11.20 -5.58 2.99
N PRO B 178 11.29 -4.63 3.92
CA PRO B 178 10.27 -3.60 4.08
C PRO B 178 10.14 -2.72 2.85
N ASP B 179 8.91 -2.57 2.35
CA ASP B 179 8.60 -1.62 1.27
C ASP B 179 8.28 -0.25 1.87
N LYS B 180 8.95 0.78 1.38
CA LYS B 180 8.83 2.10 2.01
C LYS B 180 7.49 2.80 1.75
N CYS B 181 6.74 2.35 0.74
CA CYS B 181 5.43 2.94 0.52
C CYS B 181 4.26 2.04 0.94
N ASP B 182 4.60 0.95 1.64
CA ASP B 182 3.62 0.14 2.34
C ASP B 182 2.81 1.05 3.24
N PRO B 183 1.51 1.15 2.97
CA PRO B 183 0.61 1.99 3.76
C PRO B 183 0.58 1.62 5.25
N SER B 184 0.93 0.37 5.59
CA SER B 184 0.90 0.01 7.00
C SER B 184 2.29 0.00 7.64
N LEU B 185 3.24 0.65 6.97
CA LEU B 185 4.59 0.77 7.50
C LEU B 185 4.65 1.46 8.86
N SER B 186 5.26 0.78 9.83
CA SER B 186 5.65 1.43 11.08
C SER B 186 7.17 1.35 11.22
N LEU B 187 7.73 2.12 12.16
CA LEU B 187 9.18 2.29 12.26
C LEU B 187 9.72 1.78 13.59
N ASP B 188 10.98 1.37 13.60
CA ASP B 188 11.66 0.95 14.82
C ASP B 188 12.38 2.11 15.56
N ALA B 189 13.13 2.92 14.82
CA ALA B 189 13.88 4.04 15.40
C ALA B 189 14.21 5.03 14.30
N ILE B 190 14.48 6.28 14.70
CA ILE B 190 14.75 7.35 13.75
C ILE B 190 15.66 8.36 14.42
N THR B 191 16.65 8.86 13.70
CA THR B 191 17.45 9.94 14.23
C THR B 191 18.16 10.67 13.13
N SER B 192 18.83 11.75 13.49
CA SER B 192 19.65 12.45 12.53
C SER B 192 21.02 11.81 12.59
N LEU B 193 21.77 11.94 11.49
CA LEU B 193 23.17 11.55 11.49
C LEU B 193 23.90 12.37 10.44
N ARG B 194 24.74 13.29 10.90
CA ARG B 194 25.61 14.07 10.03
C ARG B 194 24.78 14.72 8.93
N GLY B 195 23.63 15.25 9.32
CA GLY B 195 22.75 15.95 8.41
C GLY B 195 21.70 15.10 7.70
N GLU B 196 21.79 13.77 7.85
CA GLU B 196 20.82 12.93 7.18
C GLU B 196 19.91 12.22 8.17
N THR B 197 18.77 11.77 7.68
CA THR B 197 17.81 11.05 8.49
C THR B 197 18.09 9.54 8.42
N MET B 198 18.18 8.90 9.58
CA MET B 198 18.35 7.46 9.66
C MET B 198 17.06 6.84 10.17
N ILE B 199 16.49 5.95 9.38
CA ILE B 199 15.20 5.37 9.71
C ILE B 199 15.31 3.85 9.80
N PHE B 200 15.18 3.30 11.00
CA PHE B 200 15.42 1.88 11.23
C PHE B 200 14.15 1.06 11.12
N LYS B 201 14.24 -0.09 10.48
CA LYS B 201 13.12 -0.99 10.33
C LYS B 201 13.71 -2.40 10.17
N ASP B 202 13.42 -3.27 11.13
CA ASP B 202 13.98 -4.63 11.17
C ASP B 202 15.50 -4.63 11.12
N ARG B 203 16.09 -5.40 10.20
CA ARG B 203 17.55 -5.44 10.11
C ARG B 203 18.08 -4.40 9.12
N PHE B 204 17.20 -3.50 8.69
CA PHE B 204 17.56 -2.45 7.73
C PHE B 204 17.51 -1.03 8.32
N PHE B 205 18.14 -0.10 7.60
CA PHE B 205 17.84 1.31 7.80
C PHE B 205 17.80 2.04 6.47
N TRP B 206 16.99 3.09 6.39
CA TRP B 206 17.04 4.01 5.28
C TRP B 206 17.89 5.18 5.69
N ARG B 207 18.73 5.64 4.77
CA ARG B 207 19.46 6.89 4.93
C ARG B 207 18.95 7.84 3.86
N LEU B 208 18.37 8.95 4.30
CA LEU B 208 17.77 9.90 3.36
C LEU B 208 18.43 11.25 3.56
N HIS B 209 19.09 11.75 2.51
CA HIS B 209 19.58 13.11 2.53
C HIS B 209 18.42 14.06 2.23
N PRO B 210 18.35 15.22 2.94
CA PRO B 210 17.24 16.17 2.80
C PRO B 210 17.13 16.72 1.39
N GLN B 211 18.22 16.66 0.64
CA GLN B 211 18.24 17.13 -0.75
C GLN B 211 17.86 16.07 -1.78
N GLN B 212 17.64 14.81 -1.36
CA GLN B 212 17.22 13.75 -2.28
C GLN B 212 15.77 13.35 -2.03
N VAL B 213 15.15 12.75 -3.04
CA VAL B 213 13.82 12.17 -2.86
C VAL B 213 13.97 10.70 -2.46
N ASP B 214 14.89 10.01 -3.14
CA ASP B 214 15.13 8.57 -2.90
C ASP B 214 16.04 8.32 -1.72
N ALA B 215 15.54 7.52 -0.78
CA ALA B 215 16.34 7.06 0.36
C ALA B 215 17.24 5.91 -0.08
N GLU B 216 18.38 5.76 0.58
CA GLU B 216 19.20 4.57 0.37
C GLU B 216 18.84 3.51 1.41
N LEU B 217 18.55 2.28 0.96
CA LEU B 217 18.24 1.17 1.89
C LEU B 217 19.47 0.31 2.17
N PHE B 218 19.86 0.20 3.43
CA PHE B 218 21.03 -0.59 3.84
C PHE B 218 20.64 -1.69 4.83
N LEU B 219 21.37 -2.80 4.82
CA LEU B 219 21.37 -3.69 5.95
C LEU B 219 22.12 -2.96 7.05
N THR B 220 21.61 -3.01 8.27
CA THR B 220 22.32 -2.40 9.40
C THR B 220 23.74 -2.97 9.57
N LYS B 221 23.92 -4.25 9.25
CA LYS B 221 25.25 -4.87 9.31
C LYS B 221 26.24 -4.26 8.32
N SER B 222 25.76 -3.56 7.29
CA SER B 222 26.67 -2.86 6.37
C SER B 222 27.44 -1.73 7.04
N PHE B 223 26.91 -1.21 8.15
CA PHE B 223 27.56 -0.10 8.84
C PHE B 223 28.18 -0.61 10.12
N TRP B 224 27.41 -1.41 10.85
CA TRP B 224 27.77 -1.85 12.19
C TRP B 224 27.60 -3.36 12.38
N PRO B 225 28.56 -4.15 11.85
CA PRO B 225 28.58 -5.62 12.00
C PRO B 225 28.53 -6.11 13.46
N GLU B 226 29.04 -5.31 14.39
CA GLU B 226 28.99 -5.64 15.82
C GLU B 226 27.69 -5.26 16.54
N LEU B 227 26.65 -4.85 15.81
CA LEU B 227 25.40 -4.43 16.44
C LEU B 227 24.31 -5.48 16.23
N PRO B 228 23.21 -5.38 17.00
CA PRO B 228 22.11 -6.32 16.73
C PRO B 228 21.40 -5.95 15.44
N ASN B 229 20.72 -6.93 14.84
CA ASN B 229 19.91 -6.67 13.67
C ASN B 229 18.81 -5.64 13.94
N ARG B 230 18.03 -5.88 14.99
CA ARG B 230 16.90 -5.02 15.35
C ARG B 230 17.30 -3.95 16.38
N ILE B 231 16.79 -2.74 16.16
CA ILE B 231 17.09 -1.57 17.01
C ILE B 231 15.81 -1.10 17.69
N ASP B 232 15.90 -0.67 18.94
CA ASP B 232 14.71 -0.22 19.66
C ASP B 232 14.57 1.29 19.62
N ALA B 233 15.72 1.96 19.58
CA ALA B 233 15.72 3.41 19.72
C ALA B 233 17.08 3.92 19.29
N ALA B 234 17.12 5.17 18.87
CA ALA B 234 18.37 5.77 18.44
C ALA B 234 18.29 7.26 18.58
N TYR B 235 19.41 7.92 18.87
CA TYR B 235 19.41 9.38 18.93
C TYR B 235 20.83 9.93 18.79
N GLU B 236 20.93 11.18 18.34
CA GLU B 236 22.21 11.78 17.97
C GLU B 236 22.74 12.83 18.96
N HIS B 237 24.07 12.88 19.11
CA HIS B 237 24.79 13.97 19.77
C HIS B 237 25.62 14.73 18.75
N PRO B 238 25.04 15.76 18.12
CA PRO B 238 25.68 16.45 16.98
C PRO B 238 27.02 17.12 17.32
N SER B 239 27.19 17.60 18.54
CA SER B 239 28.41 18.29 18.93
C SER B 239 29.60 17.36 19.19
N HIS B 240 29.33 16.08 19.43
CA HIS B 240 30.37 15.12 19.76
C HIS B 240 30.64 14.15 18.61
N ASP B 241 29.81 14.21 17.55
CA ASP B 241 29.82 13.21 16.48
C ASP B 241 29.53 11.80 17.01
N LEU B 242 28.50 11.72 17.87
CA LEU B 242 28.12 10.46 18.48
C LEU B 242 26.68 10.12 18.12
N ILE B 243 26.40 8.82 18.03
CA ILE B 243 25.03 8.38 17.90
C ILE B 243 24.80 7.30 18.95
N PHE B 244 23.61 7.27 19.55
CA PHE B 244 23.30 6.27 20.56
C PHE B 244 22.21 5.31 20.11
N ILE B 245 22.47 4.01 20.31
CA ILE B 245 21.59 2.96 19.83
C ILE B 245 21.16 1.99 20.94
N PHE B 246 19.86 1.73 21.05
CA PHE B 246 19.31 0.92 22.14
C PHE B 246 18.71 -0.40 21.68
N ARG B 247 18.93 -1.45 22.47
CA ARG B 247 18.41 -2.77 22.17
C ARG B 247 18.41 -3.55 23.48
N GLY B 248 17.22 -3.84 23.99
CA GLY B 248 17.10 -4.46 25.31
C GLY B 248 17.67 -3.55 26.37
N ARG B 249 18.35 -4.14 27.35
CA ARG B 249 18.94 -3.36 28.45
C ARG B 249 20.30 -2.78 28.11
N LYS B 250 20.81 -3.13 26.94
CA LYS B 250 22.11 -2.64 26.48
C LYS B 250 21.95 -1.46 25.52
N PHE B 251 22.88 -0.51 25.59
CA PHE B 251 22.96 0.53 24.58
C PHE B 251 24.42 0.82 24.15
N TRP B 252 24.59 1.41 22.97
CA TRP B 252 25.91 1.71 22.41
C TRP B 252 26.07 3.18 22.07
N ALA B 253 27.28 3.71 22.26
CA ALA B 253 27.69 5.00 21.70
C ALA B 253 28.60 4.73 20.52
N LEU B 254 28.30 5.35 19.38
CA LEU B 254 29.09 5.11 18.18
C LEU B 254 29.66 6.39 17.58
N ASN B 255 30.93 6.32 17.16
CA ASN B 255 31.53 7.39 16.39
C ASN B 255 31.86 6.89 15.01
N GLY B 256 31.06 7.30 14.03
CA GLY B 256 31.18 6.79 12.68
C GLY B 256 30.89 5.31 12.73
N TYR B 257 31.86 4.50 12.33
CA TYR B 257 31.71 3.05 12.31
C TYR B 257 32.25 2.38 13.58
N ASP B 258 32.77 3.19 14.50
CA ASP B 258 33.45 2.68 15.69
C ASP B 258 32.62 2.72 16.97
N ILE B 259 32.41 1.57 17.59
CA ILE B 259 31.84 1.54 18.92
C ILE B 259 32.79 2.21 19.90
N LEU B 260 32.26 3.11 20.73
CA LEU B 260 33.10 3.77 21.72
C LEU B 260 33.61 2.80 22.78
N GLU B 261 34.73 3.15 23.39
CA GLU B 261 35.35 2.36 24.45
C GLU B 261 34.38 2.18 25.62
N GLY B 262 34.37 0.99 26.21
CA GLY B 262 33.51 0.71 27.35
C GLY B 262 32.04 0.57 27.02
N TYR B 263 31.71 0.54 25.73
CA TYR B 263 30.35 0.27 25.30
C TYR B 263 30.34 -1.12 24.67
N PRO B 264 29.20 -1.84 24.76
CA PRO B 264 27.88 -1.48 25.30
C PRO B 264 27.89 -1.18 26.80
N LYS B 265 26.83 -0.51 27.26
CA LYS B 265 26.58 -0.32 28.68
C LYS B 265 25.14 -0.67 28.99
N LYS B 266 24.81 -0.73 30.27
CA LYS B 266 23.43 -0.98 30.69
C LYS B 266 22.64 0.32 30.76
N ILE B 267 21.35 0.25 30.46
CA ILE B 267 20.52 1.44 30.43
C ILE B 267 20.30 1.93 31.86
N SER B 268 20.47 1.02 32.82
CA SER B 268 20.34 1.35 34.24
C SER B 268 21.36 2.41 34.70
N GLU B 269 22.52 2.45 34.08
CA GLU B 269 23.52 3.47 34.39
C GLU B 269 23.08 4.90 34.02
N LEU B 270 21.93 4.99 33.37
CA LEU B 270 21.32 6.29 33.09
C LEU B 270 20.37 6.62 34.24
N GLY B 271 20.24 5.68 35.17
CA GLY B 271 19.35 5.89 36.30
C GLY B 271 17.97 5.37 36.01
N LEU B 272 17.89 4.37 35.14
CA LEU B 272 16.63 3.74 34.82
C LEU B 272 16.44 2.53 35.73
N PRO B 273 15.21 2.34 36.22
CA PRO B 273 14.89 1.19 37.08
C PRO B 273 15.29 -0.12 36.39
N LYS B 274 15.54 -1.15 37.18
CA LYS B 274 16.03 -2.40 36.62
C LYS B 274 14.85 -3.13 36.00
N GLU B 275 13.65 -2.71 36.38
CA GLU B 275 12.43 -3.30 35.86
C GLU B 275 11.97 -2.64 34.54
N VAL B 276 12.90 -1.95 33.89
CA VAL B 276 12.68 -1.36 32.58
C VAL B 276 13.33 -2.27 31.54
N LYS B 277 12.52 -3.00 30.79
CA LYS B 277 13.02 -3.98 29.82
C LYS B 277 13.79 -3.37 28.62
N LYS B 278 13.30 -2.24 28.11
CA LYS B 278 13.84 -1.63 26.90
C LYS B 278 13.30 -0.21 26.70
N ILE B 279 14.07 0.61 25.99
CA ILE B 279 13.67 1.95 25.54
C ILE B 279 13.01 1.83 24.18
N SER B 280 11.74 2.21 24.06
CA SER B 280 11.02 2.12 22.77
C SER B 280 11.39 3.24 21.78
N ALA B 281 11.87 4.36 22.30
CA ALA B 281 12.19 5.53 21.48
C ALA B 281 12.98 6.54 22.31
N ALA B 282 13.72 7.42 21.64
CA ALA B 282 14.56 8.39 22.33
C ALA B 282 14.93 9.55 21.41
N VAL B 283 14.97 10.75 21.96
CA VAL B 283 15.34 11.93 21.18
C VAL B 283 16.17 12.91 22.02
N HIS B 284 17.19 13.49 21.41
CA HIS B 284 18.05 14.44 22.09
C HIS B 284 17.87 15.85 21.59
N PHE B 285 17.93 16.78 22.54
CA PHE B 285 17.84 18.19 22.24
C PHE B 285 19.18 18.88 22.52
N GLU B 286 19.84 19.30 21.44
CA GLU B 286 21.19 19.84 21.53
C GLU B 286 21.23 21.12 22.35
N ASP B 287 20.35 22.06 22.04
CA ASP B 287 20.35 23.33 22.79
C ASP B 287 19.97 23.18 24.29
N THR B 288 18.94 22.39 24.58
CA THR B 288 18.50 22.22 25.96
C THR B 288 19.35 21.21 26.73
N GLY B 289 20.19 20.47 26.01
CA GLY B 289 21.09 19.51 26.63
C GLY B 289 20.43 18.27 27.21
N LYS B 290 19.11 18.14 27.05
CA LYS B 290 18.37 17.02 27.64
C LYS B 290 17.95 15.93 26.62
N THR B 291 17.77 14.71 27.13
CA THR B 291 17.37 13.56 26.29
C THR B 291 16.10 12.89 26.83
N LEU B 292 15.07 12.79 25.99
CA LEU B 292 13.85 12.04 26.34
C LEU B 292 14.04 10.57 26.03
N LEU B 293 13.74 9.70 26.99
CA LEU B 293 13.78 8.25 26.73
C LEU B 293 12.39 7.70 26.96
N PHE B 294 11.84 7.00 25.97
CA PHE B 294 10.50 6.45 26.12
C PHE B 294 10.51 4.97 26.42
N SER B 295 9.53 4.54 27.20
CA SER B 295 9.42 3.14 27.55
C SER B 295 8.00 2.85 27.99
N GLY B 296 7.35 1.91 27.31
CA GLY B 296 5.96 1.61 27.60
C GLY B 296 5.10 2.85 27.44
N ASN B 297 4.47 3.29 28.52
CA ASN B 297 3.64 4.49 28.47
C ASN B 297 4.26 5.66 29.25
N GLN B 298 5.53 5.50 29.62
CA GLN B 298 6.23 6.50 30.40
C GLN B 298 7.37 7.19 29.66
N VAL B 299 7.76 8.36 30.16
CA VAL B 299 8.91 9.11 29.67
C VAL B 299 9.88 9.38 30.80
N TRP B 300 11.18 9.30 30.51
CA TRP B 300 12.22 9.71 31.42
C TRP B 300 12.97 10.87 30.79
N ARG B 301 13.37 11.87 31.57
CA ARG B 301 14.18 12.94 31.00
C ARG B 301 15.57 13.06 31.64
N TYR B 302 16.59 12.93 30.81
CA TYR B 302 18.00 12.85 31.24
C TYR B 302 18.74 14.15 30.95
N ASP B 303 19.38 14.70 31.97
CA ASP B 303 20.26 15.86 31.80
C ASP B 303 21.62 15.33 31.35
N ASP B 304 21.89 15.40 30.05
CA ASP B 304 23.07 14.77 29.45
C ASP B 304 24.33 15.54 29.81
N THR B 305 24.15 16.81 30.13
CA THR B 305 25.23 17.67 30.62
C THR B 305 25.83 17.09 31.92
N ASN B 306 24.98 16.48 32.74
CA ASN B 306 25.34 16.14 34.10
C ASN B 306 25.09 14.68 34.46
N HIS B 307 24.84 13.86 33.44
CA HIS B 307 24.78 12.42 33.59
C HIS B 307 23.86 11.94 34.71
N ILE B 308 22.79 12.69 34.96
CA ILE B 308 21.75 12.21 35.86
C ILE B 308 20.33 12.38 35.32
N MET B 309 19.54 11.34 35.56
CA MET B 309 18.11 11.43 35.37
C MET B 309 17.61 12.66 36.09
N ASP B 310 16.90 13.54 35.39
CA ASP B 310 16.22 14.64 36.06
C ASP B 310 15.27 14.00 37.07
N LYS B 311 14.95 14.72 38.14
CA LYS B 311 14.04 14.18 39.13
C LYS B 311 12.64 14.16 38.53
N ASP B 312 11.60 14.12 39.37
CA ASP B 312 10.21 14.23 38.89
C ASP B 312 9.74 13.29 37.74
N TYR B 313 10.69 12.69 37.05
CA TYR B 313 10.38 11.63 36.09
C TYR B 313 10.55 10.30 36.83
N PRO B 314 9.93 9.20 36.34
CA PRO B 314 9.17 9.00 35.09
C PRO B 314 7.82 9.70 35.08
N ARG B 315 7.41 10.13 33.88
CA ARG B 315 6.11 10.76 33.69
C ARG B 315 5.27 9.96 32.71
N LEU B 316 3.96 10.02 32.86
CA LEU B 316 3.06 9.38 31.88
C LEU B 316 3.04 10.16 30.55
N ILE B 317 3.29 9.44 29.44
CA ILE B 317 3.21 10.01 28.09
C ILE B 317 1.87 10.71 27.83
N GLU B 318 0.79 10.06 28.25
CA GLU B 318 -0.55 10.59 28.06
C GLU B 318 -0.76 11.98 28.66
N GLU B 319 0.00 12.29 29.71
CA GLU B 319 -0.15 13.56 30.42
C GLU B 319 0.85 14.59 29.93
N ASP B 320 2.02 14.14 29.49
CA ASP B 320 3.05 15.08 29.03
C ASP B 320 2.89 15.48 27.55
N PHE B 321 2.47 14.54 26.71
CA PHE B 321 2.29 14.80 25.28
C PHE B 321 0.90 14.37 24.83
N PRO B 322 -0.13 15.19 25.13
CA PRO B 322 -1.51 14.74 24.89
C PRO B 322 -1.80 14.54 23.40
N GLY B 323 -2.57 13.50 23.08
CA GLY B 323 -2.98 13.22 21.71
C GLY B 323 -2.15 12.23 20.92
N ILE B 324 -0.95 11.91 21.39
CA ILE B 324 -0.06 11.06 20.60
C ILE B 324 -0.23 9.58 20.91
N GLY B 325 -1.15 9.28 21.83
CA GLY B 325 -1.42 7.91 22.24
C GLY B 325 -0.67 7.50 23.50
N ASP B 326 -0.44 6.20 23.66
CA ASP B 326 0.11 5.66 24.91
C ASP B 326 1.42 4.88 24.72
N LYS B 327 2.00 4.96 23.52
CA LYS B 327 3.36 4.46 23.29
C LYS B 327 4.04 5.27 22.20
N VAL B 328 5.37 5.22 22.16
CA VAL B 328 6.15 5.87 21.10
C VAL B 328 7.07 4.82 20.44
N ASP B 329 6.86 4.55 19.14
CA ASP B 329 7.69 3.58 18.43
C ASP B 329 9.04 4.19 18.09
N ALA B 330 9.02 5.48 17.74
CA ALA B 330 10.22 6.18 17.30
C ALA B 330 9.94 7.66 17.41
N VAL B 331 11.00 8.44 17.58
CA VAL B 331 10.81 9.86 17.73
C VAL B 331 12.06 10.59 17.27
N TYR B 332 11.89 11.73 16.62
CA TYR B 332 13.03 12.59 16.38
C TYR B 332 12.57 14.04 16.45
N GLU B 333 13.49 14.98 16.34
CA GLU B 333 13.14 16.36 16.60
C GLU B 333 13.79 17.24 15.56
N LYS B 334 13.11 18.32 15.21
CA LYS B 334 13.49 19.15 14.09
C LYS B 334 12.72 20.47 14.17
N ASN B 335 13.44 21.60 14.11
CA ASN B 335 12.83 22.92 13.96
C ASN B 335 11.79 23.29 15.02
N GLY B 336 12.04 22.89 16.26
CA GLY B 336 11.09 23.18 17.34
C GLY B 336 9.90 22.22 17.32
N TYR B 337 9.94 21.23 16.41
CA TYR B 337 8.93 20.18 16.38
C TYR B 337 9.48 18.84 16.80
N ILE B 338 8.64 18.05 17.45
CA ILE B 338 8.97 16.68 17.76
C ILE B 338 8.05 15.84 16.87
N TYR B 339 8.63 14.87 16.17
CA TYR B 339 7.88 13.94 15.35
C TYR B 339 7.77 12.58 16.01
N PHE B 340 6.54 12.24 16.42
CA PHE B 340 6.25 11.03 17.17
C PHE B 340 5.60 9.97 16.28
N PHE B 341 6.14 8.75 16.29
CA PHE B 341 5.60 7.67 15.46
C PHE B 341 4.92 6.62 16.31
N ASN B 342 3.73 6.23 15.88
CA ASN B 342 2.92 5.29 16.63
C ASN B 342 2.27 4.45 15.58
N GLY B 343 2.74 3.21 15.42
CA GLY B 343 2.34 2.40 14.29
C GLY B 343 2.54 3.18 13.00
N PRO B 344 1.57 3.11 12.08
CA PRO B 344 1.65 3.81 10.78
C PRO B 344 1.33 5.32 10.82
N ILE B 345 1.28 5.92 12.01
CA ILE B 345 0.91 7.33 12.13
C ILE B 345 2.08 8.16 12.65
N GLN B 346 2.22 9.36 12.10
CA GLN B 346 3.22 10.31 12.53
C GLN B 346 2.48 11.54 13.07
N PHE B 347 2.89 12.01 14.25
CA PHE B 347 2.36 13.23 14.85
C PHE B 347 3.44 14.30 14.87
N GLU B 348 3.19 15.38 14.16
CA GLU B 348 4.02 16.57 14.29
C GLU B 348 3.53 17.38 15.51
N TYR B 349 4.35 17.41 16.55
CA TYR B 349 4.02 18.06 17.83
C TYR B 349 4.87 19.30 18.03
N SER B 350 4.23 20.44 18.27
CA SER B 350 4.96 21.71 18.46
C SER B 350 5.39 21.90 19.91
N ILE B 351 6.68 22.14 20.12
CA ILE B 351 7.20 22.34 21.48
C ILE B 351 6.74 23.66 22.11
N TRP B 352 6.86 24.73 21.31
CA TRP B 352 6.38 26.08 21.63
C TRP B 352 4.96 26.08 22.23
N SER B 353 4.01 25.51 21.49
CA SER B 353 2.60 25.53 21.91
C SER B 353 2.14 24.25 22.62
N ASN B 354 3.08 23.32 22.82
CA ASN B 354 2.80 22.05 23.50
C ASN B 354 1.51 21.34 23.07
N ARG B 355 1.36 21.12 21.76
CA ARG B 355 0.21 20.39 21.21
C ARG B 355 0.47 19.86 19.78
N ILE B 356 -0.26 18.81 19.42
CA ILE B 356 -0.24 18.28 18.06
C ILE B 356 -0.64 19.36 17.07
N VAL B 357 0.09 19.46 15.97
CA VAL B 357 -0.20 20.44 14.91
C VAL B 357 -0.66 19.73 13.64
N ARG B 358 -0.11 18.54 13.40
CA ARG B 358 -0.33 17.86 12.13
C ARG B 358 -0.22 16.34 12.30
N VAL B 359 -1.04 15.62 11.57
CA VAL B 359 -1.03 14.16 11.64
C VAL B 359 -0.88 13.66 10.21
N MET B 360 0.07 12.76 9.99
CA MET B 360 0.37 12.24 8.66
C MET B 360 0.70 10.77 8.80
N PRO B 361 0.63 10.04 7.69
CA PRO B 361 1.15 8.65 7.68
C PRO B 361 2.63 8.64 8.02
N ALA B 362 3.10 7.61 8.72
CA ALA B 362 4.52 7.50 9.06
C ALA B 362 5.46 7.44 7.84
N ASN B 363 5.00 6.82 6.77
CA ASN B 363 5.87 6.67 5.60
C ASN B 363 6.04 7.96 4.80
N SER B 364 5.41 9.05 5.23
CA SER B 364 5.61 10.31 4.53
C SER B 364 7.03 10.84 4.74
N ILE B 365 7.73 10.30 5.72
CA ILE B 365 9.12 10.65 5.95
C ILE B 365 10.03 10.10 4.83
N LEU B 366 9.52 9.13 4.08
CA LEU B 366 10.28 8.51 3.01
C LEU B 366 9.80 9.01 1.66
N TRP B 367 9.04 10.10 1.68
CA TRP B 367 8.45 10.70 0.48
C TRP B 367 7.32 9.92 -0.15
N CYS B 368 6.56 9.17 0.63
CA CYS B 368 5.44 8.44 0.04
C CYS B 368 4.15 9.28 -0.11
N GLN C 7 -24.57 -24.87 -30.51
CA GLN C 7 -23.13 -24.90 -30.70
C GLN C 7 -22.37 -23.88 -29.86
N PHE C 8 -23.04 -22.81 -29.43
CA PHE C 8 -22.32 -21.68 -28.83
C PHE C 8 -22.78 -21.08 -27.48
N ALA C 9 -21.86 -20.33 -26.87
CA ALA C 9 -22.06 -19.68 -25.57
C ALA C 9 -22.91 -18.42 -25.65
N GLU C 10 -24.17 -18.60 -25.98
CA GLU C 10 -25.16 -17.55 -25.88
C GLU C 10 -25.86 -17.76 -24.55
N ARG C 11 -25.16 -18.43 -23.63
CA ARG C 11 -25.66 -18.71 -22.29
C ARG C 11 -25.03 -17.71 -21.35
N TYR C 12 -24.01 -17.03 -21.84
CA TYR C 12 -23.34 -15.98 -21.11
C TYR C 12 -23.90 -14.61 -21.47
N LEU C 13 -25.15 -14.56 -21.89
CA LEU C 13 -25.85 -13.30 -22.01
C LEU C 13 -25.72 -12.63 -20.65
N ARG C 14 -25.29 -11.36 -20.64
CA ARG C 14 -25.31 -10.60 -19.39
C ARG C 14 -26.30 -9.46 -19.47
N SER C 15 -26.98 -9.21 -18.37
CA SER C 15 -28.06 -8.23 -18.37
C SER C 15 -27.75 -7.09 -17.41
N TYR C 16 -28.06 -5.86 -17.81
CA TYR C 16 -27.81 -4.65 -16.98
C TYR C 16 -29.12 -4.20 -16.37
N TYR C 17 -29.09 -3.78 -15.11
CA TYR C 17 -30.32 -3.68 -14.33
C TYR C 17 -30.44 -2.39 -13.49
N HIS C 18 -31.64 -1.83 -13.44
CA HIS C 18 -31.93 -0.81 -12.44
C HIS C 18 -33.26 -1.11 -11.79
N PRO C 19 -33.40 -0.87 -10.48
CA PRO C 19 -34.68 -1.28 -9.91
C PRO C 19 -35.73 -0.18 -9.93
N THR C 20 -37.00 -0.58 -9.96
CA THR C 20 -38.12 0.35 -9.83
C THR C 20 -38.45 0.58 -8.35
N LEU D 1 35.83 -24.94 -24.62
CA LEU D 1 36.50 -23.89 -25.37
C LEU D 1 35.76 -23.57 -26.67
N SER D 2 34.49 -23.98 -26.75
CA SER D 2 33.71 -23.69 -27.95
C SER D 2 33.39 -22.20 -28.04
N GLU D 3 32.99 -21.78 -29.22
CA GLU D 3 32.43 -20.46 -29.42
C GLU D 3 31.21 -20.35 -28.49
N GLU D 4 30.41 -21.41 -28.44
CA GLU D 4 29.19 -21.43 -27.62
C GLU D 4 29.46 -21.41 -26.09
N ASP D 5 30.50 -22.10 -25.64
CA ASP D 5 30.93 -22.02 -24.24
C ASP D 5 31.40 -20.59 -23.88
N LEU D 6 31.95 -19.89 -24.87
CA LEU D 6 32.36 -18.51 -24.70
C LEU D 6 31.15 -17.57 -24.66
N GLN D 7 30.22 -17.80 -25.58
CA GLN D 7 29.00 -17.00 -25.65
C GLN D 7 28.16 -17.22 -24.40
N PHE D 8 28.24 -18.40 -23.81
CA PHE D 8 27.52 -18.73 -22.59
C PHE D 8 28.11 -17.92 -21.46
N ALA D 9 29.42 -18.05 -21.27
CA ALA D 9 30.13 -17.33 -20.23
C ALA D 9 29.90 -15.83 -20.32
N GLU D 10 30.13 -15.27 -21.50
CA GLU D 10 30.12 -13.81 -21.66
C GLU D 10 28.73 -13.25 -21.46
N ARG D 11 27.73 -14.13 -21.54
CA ARG D 11 26.35 -13.75 -21.31
C ARG D 11 25.88 -14.00 -19.87
N TYR D 12 26.32 -15.12 -19.28
CA TYR D 12 25.65 -15.66 -18.10
C TYR D 12 26.49 -15.85 -16.82
N LEU D 13 27.81 -15.85 -16.96
CA LEU D 13 28.65 -15.87 -15.78
C LEU D 13 28.29 -14.69 -14.88
N ARG D 14 28.07 -14.95 -13.58
CA ARG D 14 27.82 -13.88 -12.61
C ARG D 14 28.89 -13.89 -11.53
N SER D 15 29.17 -12.71 -10.99
CA SER D 15 30.24 -12.55 -10.02
C SER D 15 29.68 -11.94 -8.76
N TYR D 16 30.37 -12.17 -7.64
CA TYR D 16 29.91 -11.69 -6.34
C TYR D 16 31.05 -10.87 -5.77
N TYR D 17 30.74 -9.70 -5.22
CA TYR D 17 31.78 -8.75 -4.88
C TYR D 17 31.74 -8.34 -3.43
N HIS D 18 32.91 -7.98 -2.90
CA HIS D 18 32.98 -7.17 -1.71
C HIS D 18 34.01 -6.05 -1.89
N PRO D 19 33.55 -4.86 -2.28
CA PRO D 19 34.49 -3.75 -2.46
C PRO D 19 34.99 -3.25 -1.10
N THR D 20 36.29 -3.16 -0.95
CA THR D 20 36.85 -2.54 0.24
C THR D 20 37.44 -1.19 -0.13
#